data_9KRO
#
_entry.id   9KRO
#
_cell.length_a   118.820
_cell.length_b   118.820
_cell.length_c   163.600
_cell.angle_alpha   90.000
_cell.angle_beta   90.000
_cell.angle_gamma   90.000
#
_symmetry.space_group_name_H-M   'P 41 21 2'
#
loop_
_entity.id
_entity.type
_entity.pdbx_description
1 polymer 'Serine hydroxymethyltransferase'
2 non-polymer [3-HYDROXY-2-METHYL-5-PHOSPHONOOXYMETHYL-PYRIDIN-4-YLMETHYL]-SERINE
3 non-polymer Mangiferin
4 water water
#
_entity_poly.entity_id   1
_entity_poly.type   'polypeptide(L)'
_entity_poly.pdbx_seq_one_letter_code
;GPGVVDYKTFDPDLWAAIAKEEERQEHNLELIASENFVSEAVMAAQGSILTNKYAEGYPGHRYYGGCEFVDIVENLAIDR
AKELFGAKFANVQPHSGSQANTAAYLALVEPGDTILGMDLSAGGHLTHGSPVNFSGKTYHFVAYGVDPTTEVIDYNVVRI
LARKHQPKLIVAGASAYGRTIDFAKFREIADEVGAKLMVDMAHIAGLVAAGLHPNPVPYADITTTTTHKTLRGPRGGMIL
TNDEALAKKINSAVFPGIQGGPLEHVIAGKAVAFKEALDPAFKEYSEQIIANAKAMVKVFNQAIGTRVISGATDNHLMLI
DVRELGINGKEAESILDSVNITVNKNSIPFETLSPFKTSGIRIGTPAITTRGFKEEDAVKVAELVVKALQAKDDNAQLDE
VKTGVRELTEKFPLHKK
;
_entity_poly.pdbx_strand_id   A,B
#
# COMPACT_ATOMS: atom_id res chain seq x y z
N VAL A 5 0.51 3.77 -27.88
CA VAL A 5 -0.23 5.02 -27.99
C VAL A 5 0.73 6.22 -27.89
N ASP A 6 0.15 7.41 -27.69
CA ASP A 6 0.98 8.62 -27.62
C ASP A 6 1.69 8.76 -26.27
N TYR A 7 1.02 8.41 -25.16
CA TYR A 7 1.69 8.56 -23.87
C TYR A 7 2.87 7.61 -23.75
N LYS A 8 2.86 6.50 -24.48
CA LYS A 8 4.05 5.67 -24.52
C LYS A 8 5.18 6.34 -25.30
N THR A 9 4.85 7.24 -26.23
CA THR A 9 5.89 7.98 -26.93
C THR A 9 6.46 9.09 -26.06
N PHE A 10 5.66 9.61 -25.12
CA PHE A 10 6.17 10.58 -24.16
C PHE A 10 7.25 9.96 -23.26
N ASP A 11 7.13 8.68 -22.93
CA ASP A 11 7.98 8.05 -21.92
C ASP A 11 8.41 6.66 -22.41
N PRO A 12 9.28 6.60 -23.41
CA PRO A 12 9.78 5.29 -23.84
C PRO A 12 10.59 4.57 -22.78
N ASP A 13 11.35 5.30 -21.96
CA ASP A 13 12.11 4.67 -20.87
C ASP A 13 11.21 3.76 -20.08
N LEU A 14 10.04 4.28 -19.68
CA LEU A 14 9.17 3.53 -18.79
C LEU A 14 8.40 2.46 -19.56
N TRP A 15 7.82 2.83 -20.70
CA TRP A 15 6.93 1.90 -21.41
C TRP A 15 7.71 0.78 -22.08
N ALA A 16 8.96 1.04 -22.48
CA ALA A 16 9.78 -0.06 -22.98
C ALA A 16 10.11 -1.06 -21.87
N ALA A 17 10.23 -0.60 -20.62
CA ALA A 17 10.53 -1.52 -19.54
C ALA A 17 9.34 -2.41 -19.24
N ILE A 18 8.14 -1.83 -19.24
CA ILE A 18 6.94 -2.60 -19.02
C ILE A 18 6.75 -3.61 -20.15
N ALA A 19 7.04 -3.22 -21.40
CA ALA A 19 6.93 -4.17 -22.50
C ALA A 19 7.92 -5.32 -22.33
N LYS A 20 9.17 -5.03 -21.97
CA LYS A 20 10.10 -6.11 -21.70
C LYS A 20 9.60 -7.00 -20.57
N GLU A 21 8.97 -6.44 -19.55
CA GLU A 21 8.50 -7.29 -18.46
C GLU A 21 7.29 -8.13 -18.89
N GLU A 22 6.46 -7.61 -19.80
CA GLU A 22 5.42 -8.43 -20.43
C GLU A 22 6.06 -9.59 -21.18
N GLU A 23 7.12 -9.33 -21.94
CA GLU A 23 7.76 -10.40 -22.70
C GLU A 23 8.40 -11.41 -21.76
N ARG A 24 8.99 -10.94 -20.64
CA ARG A 24 9.60 -11.89 -19.72
C ARG A 24 8.55 -12.79 -19.07
N GLN A 25 7.39 -12.24 -18.69
CA GLN A 25 6.34 -13.09 -18.12
C GLN A 25 5.83 -14.09 -19.15
N GLU A 26 5.79 -13.69 -20.43
CA GLU A 26 5.32 -14.58 -21.49
C GLU A 26 6.30 -15.72 -21.73
N HIS A 27 7.59 -15.43 -21.70
CA HIS A 27 8.62 -16.35 -22.15
C HIS A 27 9.24 -17.18 -21.05
N ASN A 28 8.95 -16.89 -19.79
CA ASN A 28 9.57 -17.58 -18.67
C ASN A 28 8.59 -18.57 -18.04
N LEU A 29 9.15 -19.57 -17.38
CA LEU A 29 8.36 -20.35 -16.42
C LEU A 29 8.46 -19.61 -15.09
N GLU A 30 7.34 -19.07 -14.63
CA GLU A 30 7.29 -18.35 -13.36
C GLU A 30 6.96 -19.34 -12.25
N LEU A 31 7.97 -19.77 -11.50
CA LEU A 31 7.80 -20.77 -10.45
C LEU A 31 7.92 -20.19 -9.04
N ILE A 32 7.91 -18.87 -8.89
CA ILE A 32 7.90 -18.25 -7.56
C ILE A 32 6.56 -18.57 -6.90
N ALA A 33 6.62 -19.22 -5.73
CA ALA A 33 5.43 -19.83 -5.14
C ALA A 33 4.37 -18.80 -4.76
N SER A 34 4.78 -17.55 -4.51
CA SER A 34 3.87 -16.50 -4.09
C SER A 34 3.43 -15.59 -5.23
N GLU A 35 3.73 -15.93 -6.46
CA GLU A 35 3.26 -15.12 -7.57
C GLU A 35 2.11 -15.83 -8.28
N ASN A 36 1.44 -15.08 -9.14
CA ASN A 36 0.33 -15.59 -9.92
C ASN A 36 0.14 -14.64 -11.10
N PHE A 37 -0.88 -14.89 -11.90
CA PHE A 37 -1.21 -14.02 -13.04
C PHE A 37 -2.67 -13.64 -12.89
N VAL A 38 -2.91 -12.36 -12.64
CA VAL A 38 -4.27 -11.89 -12.43
C VAL A 38 -4.97 -11.71 -13.77
N SER A 39 -6.30 -11.68 -13.71
CA SER A 39 -7.13 -11.58 -14.90
C SER A 39 -7.11 -10.15 -15.44
N GLU A 40 -7.58 -9.98 -16.69
CA GLU A 40 -7.65 -8.64 -17.23
C GLU A 40 -8.68 -7.80 -16.48
N ALA A 41 -9.67 -8.44 -15.87
CA ALA A 41 -10.63 -7.70 -15.06
C ALA A 41 -9.96 -7.07 -13.83
N VAL A 42 -9.07 -7.81 -13.17
CA VAL A 42 -8.37 -7.28 -12.00
C VAL A 42 -7.51 -6.10 -12.40
N MET A 43 -6.76 -6.24 -13.50
CA MET A 43 -5.89 -5.17 -13.96
C MET A 43 -6.70 -3.93 -14.35
N ALA A 44 -7.85 -4.13 -15.00
CA ALA A 44 -8.67 -2.98 -15.38
C ALA A 44 -9.24 -2.26 -14.16
N ALA A 45 -9.58 -3.00 -13.11
CA ALA A 45 -9.98 -2.35 -11.86
C ALA A 45 -8.83 -1.54 -11.27
N GLN A 46 -7.63 -2.10 -11.26
CA GLN A 46 -6.50 -1.37 -10.70
C GLN A 46 -6.11 -0.18 -11.57
N GLY A 47 -6.42 -0.23 -12.86
CA GLY A 47 -6.13 0.91 -13.70
C GLY A 47 -7.31 1.83 -13.92
N SER A 48 -8.29 1.79 -13.00
CA SER A 48 -9.52 2.58 -13.09
C SER A 48 -9.38 3.93 -12.39
N ILE A 49 -10.41 4.78 -12.55
CA ILE A 49 -10.40 6.14 -11.99
C ILE A 49 -10.61 6.12 -10.47
N LEU A 50 -10.83 4.94 -9.89
CA LEU A 50 -10.95 4.87 -8.45
C LEU A 50 -9.68 5.32 -7.73
N THR A 51 -8.56 5.36 -8.43
CA THR A 51 -7.33 5.87 -7.81
C THR A 51 -7.46 7.33 -7.38
N ASN A 52 -8.43 8.06 -7.95
CA ASN A 52 -8.59 9.50 -7.66
C ASN A 52 -9.34 9.80 -6.37
N LYS A 53 -10.04 8.83 -5.78
CA LYS A 53 -10.93 9.10 -4.64
C LYS A 53 -10.22 8.90 -3.29
N TYR A 54 -10.20 9.95 -2.46
CA TYR A 54 -9.85 9.84 -1.04
C TYR A 54 -11.04 9.27 -0.26
N ALA A 55 -10.86 8.11 0.35
CA ALA A 55 -11.97 7.44 1.03
C ALA A 55 -11.59 7.02 2.44
N GLU A 56 -10.84 7.87 3.15
CA GLU A 56 -10.54 7.58 4.55
C GLU A 56 -11.82 7.27 5.33
N GLY A 57 -11.73 6.26 6.19
CA GLY A 57 -12.88 5.72 6.87
C GLY A 57 -13.32 4.42 6.26
N TYR A 58 -14.53 4.02 6.62
CA TYR A 58 -15.13 2.77 6.17
C TYR A 58 -16.47 3.06 5.51
N PRO A 59 -17.01 2.14 4.70
CA PRO A 59 -18.26 2.43 3.99
C PRO A 59 -19.36 2.92 4.92
N GLY A 60 -20.00 4.03 4.53
CA GLY A 60 -21.02 4.68 5.34
C GLY A 60 -20.48 5.53 6.48
N HIS A 61 -19.18 5.56 6.69
CA HIS A 61 -18.57 6.35 7.75
C HIS A 61 -17.24 6.93 7.25
N ARG A 62 -17.30 7.62 6.13
CA ARG A 62 -16.12 8.21 5.53
C ARG A 62 -15.87 9.60 6.09
N TYR A 63 -14.63 10.05 5.95
CA TYR A 63 -14.22 11.39 6.37
C TYR A 63 -14.23 12.38 5.22
N TYR A 64 -14.74 11.97 4.07
CA TYR A 64 -14.83 12.83 2.90
C TYR A 64 -16.20 12.64 2.28
N GLY A 65 -16.68 13.68 1.59
CA GLY A 65 -17.88 13.53 0.79
C GLY A 65 -17.60 12.82 -0.53
N GLY A 66 -18.66 12.31 -1.14
CA GLY A 66 -18.60 11.73 -2.46
C GLY A 66 -18.32 10.24 -2.55
N CYS A 67 -18.39 9.51 -1.44
CA CYS A 67 -17.96 8.12 -1.41
C CYS A 67 -19.10 7.13 -1.70
N GLU A 68 -20.22 7.61 -2.23
CA GLU A 68 -21.38 6.76 -2.47
C GLU A 68 -21.01 5.49 -3.24
N PHE A 69 -20.26 5.64 -4.32
CA PHE A 69 -20.02 4.47 -5.17
C PHE A 69 -18.81 3.66 -4.75
N VAL A 70 -17.75 4.28 -4.22
CA VAL A 70 -16.67 3.48 -3.63
C VAL A 70 -17.18 2.63 -2.47
N ASP A 71 -18.25 3.08 -1.80
CA ASP A 71 -18.82 2.24 -0.74
C ASP A 71 -19.40 0.96 -1.31
N ILE A 72 -20.04 1.05 -2.49
CA ILE A 72 -20.55 -0.16 -3.14
C ILE A 72 -19.40 -1.12 -3.44
N VAL A 73 -18.30 -0.60 -3.99
CA VAL A 73 -17.18 -1.45 -4.37
C VAL A 73 -16.56 -2.09 -3.13
N GLU A 74 -16.24 -1.28 -2.12
CA GLU A 74 -15.64 -1.83 -0.91
C GLU A 74 -16.61 -2.79 -0.22
N ASN A 75 -17.90 -2.47 -0.21
CA ASN A 75 -18.84 -3.40 0.43
C ASN A 75 -18.97 -4.70 -0.37
N LEU A 76 -18.85 -4.63 -1.69
CA LEU A 76 -18.79 -5.86 -2.48
C LEU A 76 -17.59 -6.73 -2.08
N ALA A 77 -16.41 -6.10 -1.97
CA ALA A 77 -15.21 -6.83 -1.53
C ALA A 77 -15.40 -7.43 -0.14
N ILE A 78 -15.90 -6.62 0.80
CA ILE A 78 -16.13 -7.08 2.17
C ILE A 78 -17.07 -8.28 2.17
N ASP A 79 -18.20 -8.16 1.47
CA ASP A 79 -19.21 -9.22 1.52
C ASP A 79 -18.75 -10.46 0.77
N ARG A 80 -18.04 -10.28 -0.33
CA ARG A 80 -17.55 -11.44 -1.06
C ARG A 80 -16.49 -12.19 -0.25
N ALA A 81 -15.65 -11.44 0.48
CA ALA A 81 -14.69 -12.07 1.37
C ALA A 81 -15.39 -12.87 2.45
N LYS A 82 -16.42 -12.28 3.10
CA LYS A 82 -17.16 -12.99 4.13
C LYS A 82 -17.79 -14.26 3.57
N GLU A 83 -18.33 -14.18 2.37
CA GLU A 83 -18.92 -15.36 1.76
C GLU A 83 -17.84 -16.38 1.39
N LEU A 84 -16.68 -15.92 0.96
CA LEU A 84 -15.63 -16.83 0.52
C LEU A 84 -15.08 -17.67 1.66
N PHE A 85 -14.85 -17.06 2.82
CA PHE A 85 -14.17 -17.74 3.91
C PHE A 85 -15.07 -17.99 5.11
N GLY A 86 -16.34 -17.60 5.04
CA GLY A 86 -17.25 -17.87 6.13
C GLY A 86 -17.02 -17.04 7.37
N ALA A 87 -16.42 -15.86 7.23
CA ALA A 87 -16.14 -15.02 8.37
C ALA A 87 -17.26 -14.01 8.56
N LYS A 88 -17.56 -13.70 9.82
CA LYS A 88 -18.56 -12.68 10.12
C LYS A 88 -18.07 -11.27 9.86
N PHE A 89 -16.75 -11.05 9.85
CA PHE A 89 -16.19 -9.71 9.72
C PHE A 89 -14.97 -9.75 8.82
N ALA A 90 -14.82 -8.70 8.03
CA ALA A 90 -13.77 -8.64 7.02
C ALA A 90 -13.35 -7.20 6.85
N ASN A 91 -12.04 -6.99 6.80
CA ASN A 91 -11.45 -5.68 6.53
C ASN A 91 -10.56 -5.82 5.31
N VAL A 92 -10.87 -5.09 4.24
CA VAL A 92 -10.21 -5.25 2.94
C VAL A 92 -9.27 -4.11 2.62
N GLN A 93 -9.07 -3.18 3.54
CA GLN A 93 -8.23 -2.00 3.40
C GLN A 93 -6.71 -2.19 3.57
N PRO A 94 -6.19 -3.23 4.22
CA PRO A 94 -4.72 -3.30 4.40
C PRO A 94 -3.98 -3.27 3.05
N HIS A 95 -2.97 -2.41 2.98
CA HIS A 95 -2.23 -2.24 1.74
C HIS A 95 -1.44 -3.49 1.35
N SER A 96 -1.21 -4.42 2.28
CA SER A 96 -0.28 -5.52 2.05
C SER A 96 -0.48 -6.56 3.13
N GLY A 97 0.05 -7.77 2.89
CA GLY A 97 0.11 -8.76 3.95
C GLY A 97 0.80 -8.24 5.20
N SER A 98 1.87 -7.45 5.01
CA SER A 98 2.61 -6.93 6.16
C SER A 98 1.75 -5.98 6.99
N GLN A 99 1.02 -5.06 6.33
CA GLN A 99 0.14 -4.17 7.09
C GLN A 99 -1.01 -4.94 7.74
N ALA A 100 -1.54 -5.96 7.06
CA ALA A 100 -2.58 -6.77 7.66
C ALA A 100 -2.10 -7.39 8.98
N ASN A 101 -0.89 -7.95 8.96
CA ASN A 101 -0.37 -8.56 10.19
C ASN A 101 -0.08 -7.50 11.23
N THR A 102 0.53 -6.38 10.83
CA THR A 102 0.73 -5.28 11.76
C THR A 102 -0.56 -4.95 12.50
N ALA A 103 -1.64 -4.75 11.75
CA ALA A 103 -2.89 -4.35 12.39
C ALA A 103 -3.45 -5.46 13.27
N ALA A 104 -3.28 -6.73 12.85
CA ALA A 104 -3.77 -7.85 13.64
C ALA A 104 -3.05 -7.95 14.99
N TYR A 105 -1.72 -7.81 14.98
CA TYR A 105 -0.99 -7.79 16.25
C TYR A 105 -1.51 -6.67 17.15
N LEU A 106 -1.75 -5.49 16.58
CA LEU A 106 -2.19 -4.37 17.40
C LEU A 106 -3.51 -4.66 18.09
N ALA A 107 -4.38 -5.45 17.45
CA ALA A 107 -5.66 -5.81 18.03
C ALA A 107 -5.59 -6.97 19.02
N LEU A 108 -4.44 -7.65 19.16
CA LEU A 108 -4.39 -8.86 19.97
C LEU A 108 -3.44 -8.79 21.16
N VAL A 109 -2.32 -8.06 21.05
CA VAL A 109 -1.27 -8.07 22.06
C VAL A 109 -0.76 -6.65 22.25
N GLU A 110 0.05 -6.48 23.28
CA GLU A 110 0.73 -5.24 23.61
C GLU A 110 2.23 -5.38 23.36
N PRO A 111 2.93 -4.27 23.12
CA PRO A 111 4.39 -4.35 22.96
C PRO A 111 5.06 -5.08 24.12
N GLY A 112 6.00 -5.96 23.79
CA GLY A 112 6.69 -6.76 24.77
C GLY A 112 6.04 -8.09 25.08
N ASP A 113 4.78 -8.30 24.69
CA ASP A 113 4.12 -9.58 24.96
C ASP A 113 4.86 -10.72 24.27
N THR A 114 4.75 -11.92 24.86
CA THR A 114 5.38 -13.10 24.30
C THR A 114 4.47 -13.69 23.22
N ILE A 115 5.06 -13.96 22.06
CA ILE A 115 4.34 -14.54 20.94
C ILE A 115 5.12 -15.74 20.43
N LEU A 116 4.41 -16.81 20.11
CA LEU A 116 5.03 -18.01 19.60
C LEU A 116 4.67 -18.12 18.14
N GLY A 117 5.69 -18.21 17.27
CA GLY A 117 5.49 -18.20 15.84
C GLY A 117 6.47 -19.11 15.13
N MET A 118 6.15 -19.44 13.90
CA MET A 118 6.96 -20.39 13.17
C MET A 118 8.31 -19.78 12.80
N ASP A 119 9.38 -20.53 13.05
CA ASP A 119 10.71 -20.02 12.77
C ASP A 119 10.91 -19.76 11.28
N LEU A 120 11.70 -18.72 10.96
CA LEU A 120 11.76 -18.27 9.57
C LEU A 120 12.39 -19.32 8.67
N SER A 121 13.51 -19.89 9.10
CA SER A 121 14.17 -20.91 8.29
C SER A 121 13.39 -22.21 8.26
N ALA A 122 12.41 -22.38 9.15
CA ALA A 122 11.55 -23.54 9.08
C ALA A 122 10.33 -23.30 8.22
N GLY A 123 10.10 -22.05 7.78
CA GLY A 123 8.98 -21.76 6.90
C GLY A 123 8.11 -20.59 7.32
N GLY A 124 8.40 -19.99 8.50
CA GLY A 124 7.65 -18.84 8.95
C GLY A 124 8.03 -17.58 8.19
N HIS A 125 7.13 -16.59 8.22
CA HIS A 125 7.37 -15.37 7.47
C HIS A 125 8.13 -14.34 8.31
N LEU A 126 8.76 -13.38 7.61
CA LEU A 126 9.38 -12.20 8.24
C LEU A 126 8.52 -11.61 9.35
N THR A 127 7.22 -11.46 9.10
CA THR A 127 6.33 -10.84 10.07
C THR A 127 5.89 -11.81 11.16
N HIS A 128 6.40 -13.04 11.14
CA HIS A 128 6.15 -13.99 12.22
C HIS A 128 7.29 -14.02 13.23
N GLY A 129 8.04 -12.93 13.34
CA GLY A 129 8.93 -12.77 14.48
C GLY A 129 10.37 -12.45 14.19
N SER A 130 10.71 -12.21 12.93
CA SER A 130 12.09 -11.91 12.60
C SER A 130 12.54 -10.64 13.33
N PRO A 131 13.79 -10.61 13.83
CA PRO A 131 14.25 -9.45 14.62
C PRO A 131 14.63 -8.24 13.78
N VAL A 132 14.65 -8.37 12.45
CA VAL A 132 14.83 -7.20 11.57
C VAL A 132 13.50 -6.65 11.09
N ASN A 133 12.39 -7.21 11.58
CA ASN A 133 11.04 -6.85 11.18
C ASN A 133 10.34 -6.22 12.38
N PHE A 134 9.35 -5.37 12.11
CA PHE A 134 8.55 -4.79 13.19
C PHE A 134 8.07 -5.84 14.19
N SER A 135 7.75 -7.05 13.71
CA SER A 135 7.21 -8.08 14.60
C SER A 135 8.23 -8.47 15.68
N GLY A 136 9.41 -8.93 15.28
CA GLY A 136 10.44 -9.28 16.25
C GLY A 136 10.92 -8.10 17.07
N LYS A 137 10.85 -6.88 16.53
CA LYS A 137 11.29 -5.70 17.25
C LYS A 137 10.31 -5.30 18.35
N THR A 138 9.02 -5.48 18.12
CA THR A 138 7.97 -4.93 18.98
C THR A 138 7.45 -5.92 20.02
N TYR A 139 7.55 -7.21 19.75
CA TYR A 139 7.04 -8.25 20.63
C TYR A 139 8.15 -9.24 20.93
N HIS A 140 7.91 -10.10 21.93
CA HIS A 140 8.89 -11.10 22.34
C HIS A 140 8.51 -12.40 21.64
N PHE A 141 9.21 -12.71 20.56
CA PHE A 141 8.86 -13.87 19.78
C PHE A 141 9.67 -15.06 20.26
N VAL A 142 9.00 -16.20 20.36
CA VAL A 142 9.65 -17.48 20.50
C VAL A 142 9.23 -18.33 19.31
N ALA A 143 10.17 -19.07 18.74
CA ALA A 143 9.93 -19.78 17.50
C ALA A 143 9.72 -21.28 17.76
N TYR A 144 8.85 -21.87 16.94
CA TYR A 144 8.79 -23.31 16.79
C TYR A 144 9.18 -23.64 15.35
N GLY A 145 9.79 -24.80 15.16
CA GLY A 145 10.27 -25.16 13.84
C GLY A 145 9.68 -26.45 13.33
N VAL A 146 10.48 -27.25 12.65
CA VAL A 146 10.03 -28.54 12.19
C VAL A 146 10.99 -29.59 12.71
N ASP A 147 10.52 -30.83 12.77
CA ASP A 147 11.37 -31.93 13.18
C ASP A 147 12.49 -32.14 12.17
N PRO A 148 13.71 -32.43 12.63
CA PRO A 148 14.83 -32.56 11.69
C PRO A 148 14.73 -33.74 10.73
N THR A 149 14.11 -34.85 11.14
CA THR A 149 14.11 -36.01 10.25
C THR A 149 12.87 -36.06 9.36
N THR A 150 11.72 -35.59 9.85
CA THR A 150 10.54 -35.54 9.01
C THR A 150 10.31 -34.17 8.37
N GLU A 151 10.83 -33.09 8.95
CA GLU A 151 10.68 -31.74 8.42
C GLU A 151 9.20 -31.33 8.34
N VAL A 152 8.38 -31.84 9.26
CA VAL A 152 7.04 -31.30 9.46
C VAL A 152 6.97 -30.76 10.88
N ILE A 153 5.97 -29.93 11.13
CA ILE A 153 5.75 -29.40 12.48
C ILE A 153 5.54 -30.52 13.48
N ASP A 154 6.25 -30.46 14.60
CA ASP A 154 6.04 -31.36 15.74
C ASP A 154 5.12 -30.68 16.74
N TYR A 155 3.84 -31.08 16.78
CA TYR A 155 2.87 -30.37 17.61
C TYR A 155 3.12 -30.55 19.10
N ASN A 156 3.80 -31.63 19.50
CA ASN A 156 4.18 -31.75 20.91
C ASN A 156 5.22 -30.70 21.27
N VAL A 157 6.21 -30.48 20.39
CA VAL A 157 7.17 -29.39 20.61
C VAL A 157 6.45 -28.06 20.72
N VAL A 158 5.44 -27.83 19.88
CA VAL A 158 4.66 -26.59 19.98
C VAL A 158 3.99 -26.50 21.35
N ARG A 159 3.37 -27.59 21.80
CA ARG A 159 2.74 -27.59 23.11
C ARG A 159 3.76 -27.34 24.22
N ILE A 160 4.90 -28.02 24.17
CA ILE A 160 5.96 -27.82 25.16
C ILE A 160 6.36 -26.36 25.22
N LEU A 161 6.62 -25.75 24.06
CA LEU A 161 7.04 -24.35 24.05
C LEU A 161 5.95 -23.43 24.56
N ALA A 162 4.70 -23.68 24.14
CA ALA A 162 3.56 -22.92 24.65
C ALA A 162 3.50 -22.97 26.17
N ARG A 163 3.73 -24.14 26.75
CA ARG A 163 3.65 -24.28 28.20
C ARG A 163 4.85 -23.64 28.89
N LYS A 164 6.06 -23.80 28.34
CA LYS A 164 7.24 -23.22 28.99
C LYS A 164 7.21 -21.68 28.94
N HIS A 165 6.69 -21.12 27.85
CA HIS A 165 6.80 -19.69 27.65
C HIS A 165 5.51 -18.92 27.88
N GLN A 166 4.38 -19.59 28.00
CA GLN A 166 3.09 -18.95 28.27
C GLN A 166 2.78 -17.78 27.33
N PRO A 167 2.75 -18.00 26.02
CA PRO A 167 2.52 -16.88 25.10
C PRO A 167 1.15 -16.28 25.27
N LYS A 168 1.06 -14.95 25.05
CA LYS A 168 -0.25 -14.33 24.94
C LYS A 168 -0.90 -14.66 23.60
N LEU A 169 -0.09 -14.96 22.58
CA LEU A 169 -0.59 -15.23 21.24
C LEU A 169 0.23 -16.31 20.60
N ILE A 170 -0.44 -17.21 19.88
CA ILE A 170 0.22 -18.20 19.03
C ILE A 170 -0.13 -17.87 17.59
N VAL A 171 0.90 -17.82 16.74
CA VAL A 171 0.73 -17.51 15.33
C VAL A 171 1.03 -18.78 14.54
N ALA A 172 0.10 -19.17 13.68
CA ALA A 172 0.31 -20.26 12.75
C ALA A 172 0.18 -19.73 11.33
N GLY A 173 0.74 -20.49 10.39
CA GLY A 173 0.80 -20.04 9.01
C GLY A 173 2.23 -19.89 8.55
N ALA A 174 2.47 -20.01 7.25
CA ALA A 174 3.83 -20.09 6.77
C ALA A 174 3.93 -19.53 5.36
N SER A 175 5.15 -19.21 4.97
CA SER A 175 5.43 -18.82 3.61
C SER A 175 6.27 -19.83 2.86
N ALA A 176 6.81 -20.84 3.55
CA ALA A 176 7.65 -21.80 2.87
C ALA A 176 7.48 -23.19 3.46
N TYR A 177 6.23 -23.57 3.72
CA TYR A 177 5.89 -24.84 4.32
C TYR A 177 4.89 -25.54 3.42
N GLY A 178 5.25 -26.73 2.94
CA GLY A 178 4.44 -27.42 1.94
C GLY A 178 3.47 -28.46 2.47
N ARG A 179 3.27 -28.55 3.79
CA ARG A 179 2.45 -29.59 4.40
C ARG A 179 1.23 -28.96 5.06
N THR A 180 0.20 -29.79 5.23
CA THR A 180 -1.04 -29.35 5.87
C THR A 180 -0.75 -28.82 7.27
N ILE A 181 -1.31 -27.67 7.60
CA ILE A 181 -1.19 -27.13 8.95
C ILE A 181 -2.48 -27.44 9.70
N ASP A 182 -2.33 -28.07 10.88
CA ASP A 182 -3.47 -28.55 11.67
C ASP A 182 -3.94 -27.43 12.61
N PHE A 183 -4.90 -26.63 12.12
CA PHE A 183 -5.32 -25.49 12.93
C PHE A 183 -6.07 -25.93 14.19
N ALA A 184 -6.76 -27.07 14.13
CA ALA A 184 -7.42 -27.60 15.33
C ALA A 184 -6.42 -27.82 16.45
N LYS A 185 -5.30 -28.49 16.16
CA LYS A 185 -4.29 -28.70 17.20
C LYS A 185 -3.76 -27.37 17.74
N PHE A 186 -3.49 -26.39 16.85
CA PHE A 186 -3.05 -25.08 17.32
C PHE A 186 -4.09 -24.46 18.25
N ARG A 187 -5.37 -24.64 17.94
CA ARG A 187 -6.42 -24.11 18.82
C ARG A 187 -6.42 -24.80 20.18
N GLU A 188 -6.28 -26.13 20.18
CA GLU A 188 -6.15 -26.87 21.45
C GLU A 188 -5.00 -26.32 22.28
N ILE A 189 -3.82 -26.23 21.67
CA ILE A 189 -2.64 -25.76 22.40
C ILE A 189 -2.85 -24.35 22.92
N ALA A 190 -3.51 -23.49 22.12
CA ALA A 190 -3.77 -22.13 22.55
C ALA A 190 -4.66 -22.12 23.79
N ASP A 191 -5.74 -22.89 23.74
CA ASP A 191 -6.70 -22.94 24.85
C ASP A 191 -6.05 -23.41 26.15
N GLU A 192 -5.27 -24.49 26.07
CA GLU A 192 -4.61 -25.05 27.24
C GLU A 192 -3.73 -24.02 27.93
N VAL A 193 -3.11 -23.13 27.15
CA VAL A 193 -2.23 -22.12 27.70
C VAL A 193 -2.93 -20.79 27.88
N GLY A 194 -4.19 -20.70 27.48
CA GLY A 194 -4.88 -19.43 27.52
C GLY A 194 -4.41 -18.39 26.52
N ALA A 195 -3.81 -18.81 25.40
CA ALA A 195 -3.39 -17.80 24.43
C ALA A 195 -4.45 -17.61 23.35
N LYS A 196 -4.35 -16.49 22.66
CA LYS A 196 -5.14 -16.34 21.45
C LYS A 196 -4.42 -17.01 20.27
N LEU A 197 -5.14 -17.13 19.15
CA LEU A 197 -4.60 -17.78 17.96
C LEU A 197 -4.78 -16.87 16.76
N MET A 198 -3.67 -16.53 16.11
CA MET A 198 -3.68 -15.80 14.85
C MET A 198 -3.14 -16.72 13.76
N VAL A 199 -3.87 -16.82 12.65
CA VAL A 199 -3.44 -17.59 11.49
C VAL A 199 -3.21 -16.63 10.33
N ASP A 200 -2.01 -16.71 9.74
CA ASP A 200 -1.69 -15.98 8.52
C ASP A 200 -1.79 -16.98 7.37
N MET A 201 -2.88 -16.92 6.61
CA MET A 201 -3.14 -17.91 5.58
C MET A 201 -2.80 -17.43 4.17
N ALA A 202 -2.01 -16.35 4.06
CA ALA A 202 -1.67 -15.74 2.77
C ALA A 202 -1.39 -16.77 1.68
N HIS A 203 -0.47 -17.70 1.95
CA HIS A 203 -0.04 -18.58 0.86
C HIS A 203 -1.14 -19.53 0.42
N ILE A 204 -1.98 -19.98 1.36
CA ILE A 204 -2.92 -21.06 1.08
C ILE A 204 -4.36 -20.56 0.98
N ALA A 205 -4.57 -19.25 0.99
CA ALA A 205 -5.93 -18.71 1.04
C ALA A 205 -6.80 -19.25 -0.11
N GLY A 206 -6.24 -19.31 -1.32
CA GLY A 206 -7.00 -19.85 -2.44
C GLY A 206 -7.37 -21.30 -2.23
N LEU A 207 -6.44 -22.09 -1.71
CA LEU A 207 -6.75 -23.48 -1.39
C LEU A 207 -7.80 -23.57 -0.29
N VAL A 208 -7.74 -22.69 0.72
CA VAL A 208 -8.76 -22.68 1.75
C VAL A 208 -10.12 -22.36 1.13
N ALA A 209 -10.17 -21.30 0.32
CA ALA A 209 -11.41 -20.90 -0.33
C ALA A 209 -12.04 -22.03 -1.14
N ALA A 210 -11.21 -22.88 -1.75
CA ALA A 210 -11.70 -23.99 -2.56
C ALA A 210 -11.91 -25.27 -1.76
N GLY A 211 -11.74 -25.23 -0.44
CA GLY A 211 -11.93 -26.42 0.36
C GLY A 211 -10.86 -27.48 0.23
N LEU A 212 -9.66 -27.13 -0.19
CA LEU A 212 -8.59 -28.10 -0.36
C LEU A 212 -7.56 -28.03 0.76
N HIS A 213 -7.83 -27.23 1.78
CA HIS A 213 -6.96 -27.16 2.93
C HIS A 213 -7.87 -26.84 4.09
N PRO A 214 -7.61 -27.39 5.27
CA PRO A 214 -8.43 -27.03 6.45
C PRO A 214 -8.55 -25.52 6.61
N ASN A 215 -9.75 -25.08 7.00
CA ASN A 215 -10.03 -23.64 7.11
C ASN A 215 -9.68 -23.15 8.51
N PRO A 216 -8.84 -22.12 8.64
CA PRO A 216 -8.51 -21.62 9.99
C PRO A 216 -9.53 -20.63 10.56
N VAL A 217 -10.39 -20.04 9.74
CA VAL A 217 -11.30 -18.98 10.19
C VAL A 217 -12.14 -19.40 11.39
N PRO A 218 -12.71 -20.62 11.44
CA PRO A 218 -13.45 -21.00 12.66
C PRO A 218 -12.59 -21.21 13.90
N TYR A 219 -11.27 -21.35 13.77
CA TYR A 219 -10.43 -21.63 14.92
C TYR A 219 -9.64 -20.43 15.40
N ALA A 220 -9.20 -19.58 14.47
CA ALA A 220 -8.33 -18.47 14.83
C ALA A 220 -9.15 -17.30 15.35
N ASP A 221 -8.62 -16.63 16.38
CA ASP A 221 -9.21 -15.37 16.81
C ASP A 221 -9.19 -14.33 15.68
N ILE A 222 -8.08 -14.26 14.93
CA ILE A 222 -7.97 -13.41 13.75
C ILE A 222 -7.22 -14.17 12.65
N THR A 223 -7.73 -14.12 11.43
CA THR A 223 -7.05 -14.68 10.27
C THR A 223 -6.64 -13.54 9.34
N THR A 224 -5.37 -13.51 8.94
CA THR A 224 -4.89 -12.56 7.96
C THR A 224 -4.50 -13.27 6.66
N THR A 225 -4.45 -12.50 5.58
CA THR A 225 -4.09 -13.07 4.28
C THR A 225 -3.66 -11.95 3.34
N THR A 226 -2.85 -12.33 2.34
CA THR A 226 -2.70 -11.48 1.16
C THR A 226 -3.77 -11.85 0.14
N THR A 227 -3.98 -10.98 -0.83
CA THR A 227 -4.93 -11.29 -1.85
C THR A 227 -4.28 -11.75 -3.15
N HIS A 228 -2.94 -11.79 -3.23
CA HIS A 228 -2.25 -12.00 -4.50
C HIS A 228 -1.54 -13.35 -4.66
N LYS A 229 -1.72 -14.30 -3.76
CA LYS A 229 -0.99 -15.54 -3.97
C LYS A 229 -1.89 -16.59 -4.63
N THR A 230 -2.29 -17.63 -3.89
CA THR A 230 -3.22 -18.61 -4.46
C THR A 230 -4.62 -18.01 -4.68
N LEU A 231 -4.95 -16.90 -4.03
CA LEU A 231 -6.22 -16.22 -4.30
C LEU A 231 -6.21 -15.52 -5.65
N ARG A 232 -5.03 -15.29 -6.24
CA ARG A 232 -4.92 -14.77 -7.60
C ARG A 232 -5.57 -13.39 -7.74
N GLY A 233 -5.48 -12.57 -6.70
CA GLY A 233 -6.01 -11.23 -6.76
C GLY A 233 -4.92 -10.17 -6.89
N PRO A 234 -5.30 -8.91 -6.76
CA PRO A 234 -4.31 -7.84 -6.77
C PRO A 234 -3.44 -7.91 -5.53
N ARG A 235 -2.35 -7.14 -5.56
CA ARG A 235 -1.42 -7.11 -4.44
C ARG A 235 -2.04 -6.34 -3.28
N GLY A 236 -2.30 -7.02 -2.17
CA GLY A 236 -2.91 -6.37 -1.03
C GLY A 236 -3.11 -7.34 0.11
N GLY A 237 -3.67 -6.83 1.22
CA GLY A 237 -3.94 -7.64 2.38
C GLY A 237 -5.41 -7.59 2.80
N MET A 238 -5.73 -8.41 3.80
CA MET A 238 -7.09 -8.59 4.30
C MET A 238 -7.03 -9.20 5.69
N ILE A 239 -7.99 -8.83 6.56
CA ILE A 239 -8.09 -9.34 7.92
C ILE A 239 -9.50 -9.85 8.17
N LEU A 240 -9.61 -11.09 8.67
CA LEU A 240 -10.89 -11.75 8.93
C LEU A 240 -11.03 -12.09 10.42
N THR A 241 -12.27 -12.00 10.93
CA THR A 241 -12.55 -12.41 12.30
C THR A 241 -14.03 -12.76 12.42
N ASN A 242 -14.35 -13.55 13.44
CA ASN A 242 -15.73 -13.83 13.79
C ASN A 242 -16.17 -13.11 15.06
N ASP A 243 -15.25 -12.56 15.85
CA ASP A 243 -15.59 -11.83 17.07
C ASP A 243 -15.80 -10.35 16.77
N GLU A 244 -16.94 -9.81 17.22
CA GLU A 244 -17.27 -8.42 16.95
C GLU A 244 -16.35 -7.46 17.70
N ALA A 245 -15.95 -7.83 18.92
CA ALA A 245 -15.06 -6.95 19.68
C ALA A 245 -13.68 -6.84 19.02
N LEU A 246 -13.17 -7.93 18.46
CA LEU A 246 -11.93 -7.87 17.69
C LEU A 246 -12.12 -7.11 16.37
N ALA A 247 -13.26 -7.27 15.73
CA ALA A 247 -13.48 -6.56 14.46
C ALA A 247 -13.37 -5.06 14.66
N LYS A 248 -13.85 -4.56 15.80
CA LYS A 248 -13.75 -3.13 16.06
C LYS A 248 -12.30 -2.73 16.35
N LYS A 249 -11.57 -3.55 17.10
CA LYS A 249 -10.15 -3.28 17.33
C LYS A 249 -9.35 -3.37 16.01
N ILE A 250 -9.69 -4.32 15.14
CA ILE A 250 -9.03 -4.44 13.85
C ILE A 250 -9.26 -3.19 13.00
N ASN A 251 -10.52 -2.79 12.89
CA ASN A 251 -10.85 -1.64 12.06
C ASN A 251 -10.14 -0.39 12.52
N SER A 252 -10.05 -0.20 13.84
CA SER A 252 -9.35 0.94 14.42
C SER A 252 -7.86 0.88 14.18
N ALA A 253 -7.30 -0.33 14.23
CA ALA A 253 -5.86 -0.49 14.02
C ALA A 253 -5.47 -0.20 12.57
N VAL A 254 -6.29 -0.63 11.61
CA VAL A 254 -6.02 -0.32 10.20
C VAL A 254 -6.10 1.18 9.94
N PHE A 255 -7.23 1.79 10.32
CA PHE A 255 -7.40 3.22 10.17
C PHE A 255 -8.21 3.70 11.37
N PRO A 256 -7.74 4.71 12.11
CA PRO A 256 -6.57 5.57 11.83
C PRO A 256 -5.23 5.04 12.38
N GLY A 257 -5.19 3.80 12.84
CA GLY A 257 -3.99 3.23 13.42
C GLY A 257 -2.71 3.22 12.59
N ILE A 258 -2.67 2.57 11.43
CA ILE A 258 -1.39 2.45 10.75
C ILE A 258 -1.46 2.92 9.31
N GLN A 259 -2.67 3.11 8.79
CA GLN A 259 -2.86 3.56 7.42
C GLN A 259 -3.68 4.84 7.40
N GLY A 260 -3.67 5.48 6.24
CA GLY A 260 -4.52 6.62 5.97
C GLY A 260 -5.56 6.21 4.95
N GLY A 261 -5.56 6.87 3.79
CA GLY A 261 -6.47 6.50 2.73
C GLY A 261 -6.28 5.09 2.19
N PRO A 262 -7.38 4.37 1.99
CA PRO A 262 -7.28 3.06 1.34
C PRO A 262 -7.04 3.21 -0.16
N LEU A 263 -6.60 2.13 -0.78
CA LEU A 263 -6.37 2.11 -2.23
C LEU A 263 -7.63 1.53 -2.87
N GLU A 264 -8.58 2.38 -3.21
CA GLU A 264 -9.88 1.87 -3.64
C GLU A 264 -9.81 1.23 -5.02
N HIS A 265 -8.85 1.61 -5.87
CA HIS A 265 -8.73 0.90 -7.14
C HIS A 265 -8.23 -0.51 -6.92
N VAL A 266 -7.34 -0.70 -5.92
CA VAL A 266 -6.91 -2.05 -5.56
C VAL A 266 -8.04 -2.82 -4.92
N ILE A 267 -8.86 -2.14 -4.11
CA ILE A 267 -9.99 -2.80 -3.45
C ILE A 267 -11.02 -3.25 -4.50
N ALA A 268 -11.21 -2.46 -5.55
CA ALA A 268 -11.97 -2.91 -6.71
C ALA A 268 -11.45 -4.24 -7.22
N GLY A 269 -10.14 -4.37 -7.36
CA GLY A 269 -9.55 -5.60 -7.87
C GLY A 269 -9.73 -6.76 -6.91
N LYS A 270 -9.74 -6.48 -5.61
CA LYS A 270 -10.05 -7.52 -4.63
C LYS A 270 -11.48 -8.03 -4.80
N ALA A 271 -12.43 -7.11 -4.97
CA ALA A 271 -13.81 -7.52 -5.24
C ALA A 271 -13.88 -8.37 -6.52
N VAL A 272 -13.20 -7.95 -7.58
CA VAL A 272 -13.17 -8.78 -8.78
C VAL A 272 -12.62 -10.15 -8.45
N ALA A 273 -11.49 -10.20 -7.75
CA ALA A 273 -10.84 -11.50 -7.57
C ALA A 273 -11.65 -12.39 -6.65
N PHE A 274 -12.31 -11.82 -5.64
CA PHE A 274 -13.12 -12.65 -4.75
C PHE A 274 -14.29 -13.28 -5.52
N LYS A 275 -14.90 -12.53 -6.44
CA LYS A 275 -15.96 -13.11 -7.25
C LYS A 275 -15.42 -14.23 -8.12
N GLU A 276 -14.25 -14.03 -8.73
CA GLU A 276 -13.67 -15.10 -9.52
C GLU A 276 -13.39 -16.33 -8.64
N ALA A 277 -13.14 -16.12 -7.35
CA ALA A 277 -12.89 -17.23 -6.45
C ALA A 277 -14.18 -17.90 -5.99
N LEU A 278 -15.31 -17.20 -6.05
CA LEU A 278 -16.56 -17.86 -5.72
C LEU A 278 -17.07 -18.75 -6.84
N ASP A 279 -16.59 -18.53 -8.07
CA ASP A 279 -16.96 -19.36 -9.21
C ASP A 279 -16.53 -20.80 -8.96
N PRO A 280 -17.40 -21.78 -9.20
CA PRO A 280 -16.97 -23.19 -9.13
C PRO A 280 -15.70 -23.50 -9.92
N ALA A 281 -15.45 -22.79 -11.02
CA ALA A 281 -14.23 -23.05 -11.80
C ALA A 281 -12.97 -22.80 -10.98
N PHE A 282 -13.06 -21.94 -9.95
CA PHE A 282 -11.88 -21.70 -9.13
C PHE A 282 -11.48 -22.92 -8.31
N LYS A 283 -12.46 -23.72 -7.89
CA LYS A 283 -12.15 -24.96 -7.19
C LYS A 283 -11.43 -25.95 -8.09
N GLU A 284 -11.78 -25.98 -9.38
CA GLU A 284 -11.07 -26.84 -10.32
C GLU A 284 -9.64 -26.36 -10.52
N TYR A 285 -9.43 -25.05 -10.63
CA TYR A 285 -8.09 -24.49 -10.74
C TYR A 285 -7.26 -24.85 -9.51
N SER A 286 -7.84 -24.65 -8.31
CA SER A 286 -7.10 -24.93 -7.09
C SER A 286 -6.65 -26.40 -7.01
N GLU A 287 -7.51 -27.34 -7.42
CA GLU A 287 -7.13 -28.75 -7.40
C GLU A 287 -5.99 -29.02 -8.36
N GLN A 288 -6.00 -28.36 -9.52
CA GLN A 288 -4.91 -28.52 -10.47
C GLN A 288 -3.59 -27.97 -9.93
N ILE A 289 -3.66 -26.96 -9.05
CA ILE A 289 -2.45 -26.44 -8.41
C ILE A 289 -1.77 -27.55 -7.62
N ILE A 290 -2.55 -28.25 -6.81
CA ILE A 290 -2.02 -29.27 -5.92
C ILE A 290 -1.57 -30.48 -6.72
N ALA A 291 -2.37 -30.89 -7.70
CA ALA A 291 -1.98 -32.02 -8.54
C ALA A 291 -0.69 -31.70 -9.28
N ASN A 292 -0.55 -30.47 -9.76
CA ASN A 292 0.68 -30.08 -10.44
C ASN A 292 1.87 -30.10 -9.48
N ALA A 293 1.66 -29.61 -8.25
CA ALA A 293 2.76 -29.58 -7.28
C ALA A 293 3.20 -31.00 -6.92
N LYS A 294 2.24 -31.89 -6.69
CA LYS A 294 2.59 -33.27 -6.36
C LYS A 294 3.32 -33.94 -7.52
N ALA A 295 2.90 -33.67 -8.75
CA ALA A 295 3.61 -34.25 -9.90
C ALA A 295 5.05 -33.76 -9.95
N MET A 296 5.30 -32.50 -9.55
CA MET A 296 6.67 -32.00 -9.54
C MET A 296 7.49 -32.62 -8.42
N VAL A 297 6.87 -32.77 -7.24
CA VAL A 297 7.58 -33.40 -6.12
C VAL A 297 8.01 -34.82 -6.49
N LYS A 298 7.16 -35.55 -7.21
CA LYS A 298 7.50 -36.90 -7.62
C LYS A 298 8.76 -36.92 -8.47
N VAL A 299 8.89 -35.98 -9.40
CA VAL A 299 10.09 -35.90 -10.23
C VAL A 299 11.30 -35.59 -9.37
N PHE A 300 11.19 -34.60 -8.48
CA PHE A 300 12.35 -34.20 -7.69
C PHE A 300 12.76 -35.30 -6.72
N ASN A 301 11.79 -36.03 -6.16
CA ASN A 301 12.12 -37.15 -5.28
C ASN A 301 12.98 -38.18 -6.02
N GLN A 302 12.70 -38.40 -7.31
CA GLN A 302 13.40 -39.44 -8.04
C GLN A 302 14.76 -38.98 -8.53
N ALA A 303 14.95 -37.68 -8.71
CA ALA A 303 16.19 -37.20 -9.29
C ALA A 303 17.28 -37.13 -8.22
N ILE A 304 18.52 -37.30 -8.67
CA ILE A 304 19.69 -37.25 -7.81
C ILE A 304 20.11 -35.79 -7.66
N GLY A 305 20.13 -35.31 -6.43
CA GLY A 305 20.67 -34.01 -6.11
C GLY A 305 19.63 -33.00 -5.69
N THR A 306 18.36 -33.22 -6.03
CA THR A 306 17.26 -32.34 -5.69
C THR A 306 16.46 -33.02 -4.58
N ARG A 307 16.70 -32.63 -3.34
CA ARG A 307 16.00 -33.25 -2.21
C ARG A 307 14.86 -32.35 -1.77
N VAL A 308 13.64 -32.90 -1.79
CA VAL A 308 12.44 -32.17 -1.35
C VAL A 308 12.35 -32.23 0.17
N ILE A 309 12.37 -31.05 0.80
CA ILE A 309 12.13 -30.91 2.23
C ILE A 309 10.83 -31.61 2.60
N SER A 310 10.90 -32.63 3.47
CA SER A 310 9.81 -33.48 3.99
C SER A 310 9.35 -34.53 2.98
N GLY A 311 9.91 -34.58 1.78
CA GLY A 311 9.61 -35.65 0.85
C GLY A 311 8.28 -35.57 0.14
N ALA A 312 7.43 -34.60 0.45
CA ALA A 312 6.10 -34.53 -0.15
C ALA A 312 5.58 -33.09 -0.08
N THR A 313 4.41 -32.86 -0.69
CA THR A 313 3.67 -31.62 -0.56
C THR A 313 2.18 -31.92 -0.42
N ASP A 314 1.50 -31.09 0.34
CA ASP A 314 0.05 -31.09 0.42
C ASP A 314 -0.57 -29.87 -0.23
N ASN A 315 0.24 -28.92 -0.72
CA ASN A 315 -0.36 -27.69 -1.18
C ASN A 315 0.28 -27.26 -2.51
N HIS A 316 0.54 -25.97 -2.68
CA HIS A 316 1.03 -25.43 -3.94
C HIS A 316 2.56 -25.41 -4.04
N LEU A 317 3.30 -25.71 -2.98
CA LEU A 317 4.72 -25.40 -3.06
C LEU A 317 5.59 -26.54 -2.57
N MET A 318 6.88 -26.31 -2.72
CA MET A 318 7.88 -27.28 -2.33
C MET A 318 9.20 -26.54 -2.17
N LEU A 319 10.00 -27.01 -1.22
CA LEU A 319 11.32 -26.52 -0.93
C LEU A 319 12.32 -27.58 -1.35
N ILE A 320 13.35 -27.19 -2.08
CA ILE A 320 14.32 -28.15 -2.61
C ILE A 320 15.71 -27.80 -2.10
N ASP A 321 16.27 -28.69 -1.29
CA ASP A 321 17.66 -28.59 -0.88
C ASP A 321 18.57 -28.96 -2.05
N VAL A 322 19.39 -28.01 -2.49
CA VAL A 322 20.23 -28.21 -3.68
C VAL A 322 21.68 -28.54 -3.34
N ARG A 323 22.02 -28.66 -2.06
CA ARG A 323 23.42 -28.79 -1.68
C ARG A 323 24.09 -30.01 -2.29
N GLU A 324 23.36 -31.10 -2.45
CA GLU A 324 24.05 -32.27 -2.96
C GLU A 324 24.51 -32.11 -4.42
N LEU A 325 24.14 -31.03 -5.10
CA LEU A 325 24.68 -30.74 -6.42
C LEU A 325 25.89 -29.82 -6.38
N GLY A 326 26.39 -29.51 -5.18
CA GLY A 326 27.54 -28.63 -5.09
C GLY A 326 27.27 -27.17 -5.36
N ILE A 327 26.02 -26.72 -5.19
CA ILE A 327 25.65 -25.32 -5.35
C ILE A 327 24.86 -24.90 -4.11
N ASN A 328 24.75 -23.58 -3.91
CA ASN A 328 23.87 -23.08 -2.88
C ASN A 328 22.59 -22.54 -3.52
N GLY A 329 21.73 -21.94 -2.69
CA GLY A 329 20.43 -21.51 -3.19
C GLY A 329 20.51 -20.37 -4.18
N LYS A 330 21.44 -19.43 -3.98
CA LYS A 330 21.53 -18.29 -4.89
C LYS A 330 22.08 -18.73 -6.24
N GLU A 331 23.05 -19.65 -6.23
CA GLU A 331 23.61 -20.16 -7.46
C GLU A 331 22.55 -20.89 -8.28
N ALA A 332 21.68 -21.64 -7.60
CA ALA A 332 20.63 -22.36 -8.30
C ALA A 332 19.64 -21.39 -8.92
N GLU A 333 19.26 -20.36 -8.17
CA GLU A 333 18.40 -19.29 -8.66
C GLU A 333 18.98 -18.64 -9.91
N SER A 334 20.28 -18.38 -9.93
CA SER A 334 20.90 -17.71 -11.08
C SER A 334 20.97 -18.63 -12.29
N ILE A 335 21.37 -19.89 -12.07
CA ILE A 335 21.37 -20.87 -13.17
C ILE A 335 19.99 -20.94 -13.81
N LEU A 336 18.96 -21.15 -13.00
CA LEU A 336 17.61 -21.29 -13.56
C LEU A 336 17.18 -20.03 -14.28
N ASP A 337 17.46 -18.86 -13.73
CA ASP A 337 17.08 -17.63 -14.43
C ASP A 337 17.75 -17.53 -15.80
N SER A 338 18.99 -18.00 -15.90
CA SER A 338 19.70 -17.95 -17.18
C SER A 338 19.08 -18.86 -18.23
N VAL A 339 18.20 -19.79 -17.84
CA VAL A 339 17.47 -20.59 -18.82
C VAL A 339 15.97 -20.29 -18.74
N ASN A 340 15.63 -19.07 -18.32
CA ASN A 340 14.25 -18.56 -18.35
C ASN A 340 13.31 -19.30 -17.40
N ILE A 341 13.84 -19.79 -16.29
CA ILE A 341 13.05 -20.38 -15.23
C ILE A 341 13.25 -19.54 -13.98
N THR A 342 12.16 -18.97 -13.46
CA THR A 342 12.23 -17.99 -12.38
C THR A 342 11.78 -18.61 -11.07
N VAL A 343 12.71 -18.66 -10.09
CA VAL A 343 12.41 -19.14 -8.74
C VAL A 343 12.90 -18.10 -7.76
N ASN A 344 12.85 -18.40 -6.46
CA ASN A 344 13.67 -17.66 -5.51
C ASN A 344 14.45 -18.64 -4.63
N LYS A 345 15.70 -18.28 -4.33
CA LYS A 345 16.46 -18.93 -3.28
C LYS A 345 15.61 -18.88 -1.99
N ASN A 346 15.91 -19.78 -1.05
CA ASN A 346 15.09 -19.88 0.15
C ASN A 346 15.81 -20.73 1.18
N SER A 347 15.76 -20.31 2.44
CA SER A 347 16.29 -21.10 3.54
C SER A 347 15.56 -22.44 3.64
N ILE A 348 16.29 -23.45 4.10
CA ILE A 348 15.71 -24.76 4.42
C ILE A 348 15.79 -24.93 5.94
N PRO A 349 14.99 -25.81 6.54
CA PRO A 349 15.11 -26.06 7.99
C PRO A 349 16.56 -26.36 8.39
N PHE A 350 16.98 -25.78 9.51
CA PHE A 350 18.33 -25.96 10.05
C PHE A 350 19.38 -25.45 9.07
N GLU A 351 19.06 -24.33 8.43
CA GLU A 351 19.90 -23.69 7.43
C GLU A 351 21.32 -23.50 7.97
N THR A 352 22.28 -24.08 7.27
CA THR A 352 23.71 -23.98 7.61
C THR A 352 24.45 -22.84 6.92
N LEU A 353 23.89 -22.28 5.84
CA LEU A 353 24.58 -21.28 5.05
C LEU A 353 24.04 -19.89 5.34
N SER A 354 24.72 -18.90 4.79
CA SER A 354 24.36 -17.51 5.02
C SER A 354 22.97 -17.22 4.44
N PRO A 355 22.26 -16.23 4.98
CA PRO A 355 20.95 -15.85 4.39
C PRO A 355 21.04 -15.32 2.98
N PHE A 356 22.24 -14.93 2.54
CA PHE A 356 22.46 -14.43 1.19
C PHE A 356 22.80 -15.54 0.21
N LYS A 357 23.07 -16.75 0.72
CA LYS A 357 23.28 -17.92 -0.11
C LYS A 357 22.12 -18.88 -0.01
N THR A 358 21.77 -19.32 1.20
CA THR A 358 20.77 -20.34 1.52
C THR A 358 21.11 -21.68 0.91
N SER A 359 20.38 -22.71 1.31
CA SER A 359 20.69 -24.04 0.84
C SER A 359 19.72 -24.54 -0.22
N GLY A 360 18.67 -23.78 -0.53
CA GLY A 360 17.68 -24.33 -1.42
C GLY A 360 16.97 -23.31 -2.28
N ILE A 361 16.01 -23.80 -3.06
CA ILE A 361 15.09 -22.96 -3.81
C ILE A 361 13.67 -23.35 -3.46
N ARG A 362 12.76 -22.41 -3.65
CA ARG A 362 11.33 -22.61 -3.45
C ARG A 362 10.62 -22.55 -4.80
N ILE A 363 9.74 -23.52 -5.04
CA ILE A 363 9.00 -23.65 -6.28
C ILE A 363 7.53 -23.82 -5.93
N GLY A 364 6.65 -23.13 -6.65
CA GLY A 364 5.22 -23.30 -6.49
C GLY A 364 4.54 -23.27 -7.84
N THR A 365 3.34 -23.84 -7.89
CA THR A 365 2.66 -24.03 -9.18
C THR A 365 1.53 -23.05 -9.52
N PRO A 366 1.07 -22.15 -8.65
CA PRO A 366 -0.14 -21.36 -9.01
C PRO A 366 -0.04 -20.64 -10.34
N ALA A 367 1.15 -20.14 -10.71
CA ALA A 367 1.24 -19.30 -11.90
C ALA A 367 1.21 -20.14 -13.18
N ILE A 368 1.99 -21.22 -13.23
CA ILE A 368 1.96 -22.04 -14.43
C ILE A 368 0.62 -22.72 -14.57
N THR A 369 -0.02 -23.07 -13.46
CA THR A 369 -1.38 -23.61 -13.50
C THR A 369 -2.36 -22.61 -14.08
N THR A 370 -2.25 -21.34 -13.70
CA THR A 370 -3.08 -20.33 -14.32
C THR A 370 -2.87 -20.25 -15.84
N ARG A 371 -1.66 -20.54 -16.32
CA ARG A 371 -1.41 -20.60 -17.76
C ARG A 371 -2.06 -21.82 -18.41
N GLY A 372 -2.59 -22.76 -17.62
CA GLY A 372 -3.21 -23.95 -18.16
C GLY A 372 -2.37 -25.22 -18.11
N PHE A 373 -1.17 -25.19 -17.53
CA PHE A 373 -0.35 -26.41 -17.41
C PHE A 373 -1.14 -27.50 -16.71
N LYS A 374 -0.96 -28.73 -17.17
CA LYS A 374 -1.49 -29.93 -16.52
C LYS A 374 -0.33 -30.74 -15.95
N GLU A 375 -0.68 -31.86 -15.32
CA GLU A 375 0.33 -32.65 -14.59
C GLU A 375 1.48 -33.10 -15.49
N GLU A 376 1.20 -33.44 -16.74
CA GLU A 376 2.27 -33.83 -17.66
C GLU A 376 3.16 -32.63 -18.02
N ASP A 377 2.59 -31.43 -18.07
CA ASP A 377 3.41 -30.22 -18.26
C ASP A 377 4.19 -29.90 -16.99
N ALA A 378 3.56 -30.02 -15.82
CA ALA A 378 4.29 -29.87 -14.57
C ALA A 378 5.46 -30.85 -14.49
N VAL A 379 5.23 -32.10 -14.91
CA VAL A 379 6.32 -33.09 -14.92
C VAL A 379 7.48 -32.57 -15.78
N LYS A 380 7.16 -32.05 -16.96
CA LYS A 380 8.20 -31.50 -17.84
C LYS A 380 8.96 -30.34 -17.18
N VAL A 381 8.24 -29.41 -16.53
CA VAL A 381 8.91 -28.30 -15.82
C VAL A 381 9.96 -28.86 -14.85
N ALA A 382 9.56 -29.81 -14.01
CA ALA A 382 10.46 -30.34 -13.00
C ALA A 382 11.66 -31.04 -13.64
N GLU A 383 11.40 -31.83 -14.69
CA GLU A 383 12.52 -32.44 -15.41
C GLU A 383 13.46 -31.39 -15.98
N LEU A 384 12.92 -30.25 -16.44
CA LEU A 384 13.80 -29.20 -16.95
C LEU A 384 14.63 -28.58 -15.84
N VAL A 385 14.03 -28.36 -14.67
CA VAL A 385 14.76 -27.80 -13.53
C VAL A 385 15.90 -28.72 -13.12
N VAL A 386 15.61 -30.03 -13.05
CA VAL A 386 16.65 -31.00 -12.73
C VAL A 386 17.78 -30.93 -13.74
N LYS A 387 17.44 -30.98 -15.02
CA LYS A 387 18.46 -30.93 -16.07
C LYS A 387 19.34 -29.69 -15.92
N ALA A 388 18.72 -28.53 -15.67
CA ALA A 388 19.49 -27.30 -15.60
C ALA A 388 20.45 -27.32 -14.41
N LEU A 389 19.97 -27.78 -13.25
CA LEU A 389 20.84 -27.78 -12.08
C LEU A 389 21.93 -28.84 -12.18
N GLN A 390 21.66 -29.92 -12.90
CA GLN A 390 22.65 -30.98 -13.06
C GLN A 390 23.66 -30.67 -14.16
N ALA A 391 23.30 -29.84 -15.13
CA ALA A 391 24.24 -29.46 -16.17
C ALA A 391 25.33 -28.61 -15.54
N LYS A 392 26.52 -29.18 -15.33
CA LYS A 392 27.61 -28.39 -14.76
C LYS A 392 27.98 -27.32 -15.76
N ASP A 393 27.06 -26.36 -15.93
CA ASP A 393 27.13 -25.29 -16.91
C ASP A 393 27.57 -25.80 -18.28
N ASP A 394 27.03 -26.95 -18.69
CA ASP A 394 27.16 -27.44 -20.04
C ASP A 394 26.14 -26.74 -20.93
N ASN A 395 26.62 -25.94 -21.89
CA ASN A 395 25.72 -25.10 -22.66
C ASN A 395 24.75 -25.91 -23.50
N ALA A 396 25.17 -27.10 -23.95
CA ALA A 396 24.29 -27.91 -24.78
C ALA A 396 23.05 -28.33 -23.99
N GLN A 397 23.24 -28.75 -22.74
CA GLN A 397 22.10 -29.12 -21.93
C GLN A 397 21.30 -27.90 -21.50
N LEU A 398 21.97 -26.79 -21.16
CA LEU A 398 21.25 -25.58 -20.78
C LEU A 398 20.37 -25.10 -21.92
N ASP A 399 20.86 -25.19 -23.17
CA ASP A 399 20.05 -24.73 -24.30
C ASP A 399 18.89 -25.66 -24.58
N GLU A 400 19.04 -26.96 -24.27
CA GLU A 400 17.88 -27.84 -24.34
C GLU A 400 16.84 -27.44 -23.31
N VAL A 401 17.28 -26.99 -22.13
CA VAL A 401 16.31 -26.48 -21.15
C VAL A 401 15.61 -25.25 -21.71
N LYS A 402 16.37 -24.33 -22.31
CA LYS A 402 15.75 -23.16 -22.93
C LYS A 402 14.76 -23.56 -24.02
N THR A 403 15.10 -24.58 -24.81
CA THR A 403 14.16 -25.07 -25.82
C THR A 403 12.91 -25.68 -25.16
N GLY A 404 13.10 -26.46 -24.10
CA GLY A 404 11.94 -27.01 -23.38
C GLY A 404 11.06 -25.92 -22.80
N VAL A 405 11.66 -24.86 -22.28
CA VAL A 405 10.89 -23.73 -21.76
C VAL A 405 10.07 -23.08 -22.88
N ARG A 406 10.72 -22.83 -24.02
CA ARG A 406 10.04 -22.23 -25.17
C ARG A 406 8.83 -23.07 -25.60
N GLU A 407 9.01 -24.40 -25.66
CA GLU A 407 7.89 -25.28 -26.01
C GLU A 407 6.71 -25.07 -25.07
N LEU A 408 6.95 -25.12 -23.76
CA LEU A 408 5.82 -24.99 -22.83
C LEU A 408 5.20 -23.60 -22.91
N THR A 409 6.03 -22.55 -23.00
CA THR A 409 5.43 -21.22 -22.98
C THR A 409 4.67 -20.95 -24.28
N GLU A 410 5.15 -21.50 -25.39
CA GLU A 410 4.37 -21.40 -26.62
C GLU A 410 3.13 -22.30 -26.58
N LYS A 411 3.20 -23.44 -25.89
CA LYS A 411 2.01 -24.26 -25.77
C LYS A 411 0.95 -23.59 -24.90
N PHE A 412 1.34 -22.83 -23.88
CA PHE A 412 0.38 -22.17 -22.99
C PHE A 412 0.66 -20.66 -22.97
N PRO A 413 0.26 -19.94 -24.00
CA PRO A 413 0.52 -18.50 -24.04
C PRO A 413 -0.29 -17.76 -22.97
N LEU A 414 0.21 -16.58 -22.59
CA LEU A 414 -0.33 -15.79 -21.49
C LEU A 414 -1.26 -14.68 -21.97
N HIS A 415 -1.98 -14.88 -23.07
CA HIS A 415 -2.78 -13.79 -23.62
C HIS A 415 -4.06 -14.26 -24.30
N ASP B 6 -16.80 -10.52 -22.80
CA ASP B 6 -16.33 -9.32 -22.14
C ASP B 6 -16.41 -9.49 -20.62
N TYR B 7 -15.33 -9.13 -19.91
CA TYR B 7 -15.24 -9.42 -18.49
C TYR B 7 -16.25 -8.62 -17.66
N LYS B 8 -16.63 -7.43 -18.11
CA LYS B 8 -17.60 -6.65 -17.34
C LYS B 8 -18.98 -7.29 -17.31
N THR B 9 -19.29 -8.17 -18.27
CA THR B 9 -20.58 -8.86 -18.24
C THR B 9 -20.71 -9.76 -17.04
N PHE B 10 -19.60 -10.34 -16.56
CA PHE B 10 -19.66 -11.33 -15.50
C PHE B 10 -19.76 -10.71 -14.11
N ASP B 11 -19.51 -9.41 -13.96
CA ASP B 11 -19.59 -8.73 -12.67
C ASP B 11 -20.25 -7.37 -12.84
N PRO B 12 -21.52 -7.34 -13.24
CA PRO B 12 -22.17 -6.06 -13.49
C PRO B 12 -22.29 -5.19 -12.25
N ASP B 13 -22.41 -5.79 -11.07
CA ASP B 13 -22.55 -4.99 -9.86
C ASP B 13 -21.31 -4.14 -9.61
N LEU B 14 -20.14 -4.74 -9.82
CA LEU B 14 -18.89 -4.01 -9.59
C LEU B 14 -18.70 -2.94 -10.65
N TRP B 15 -18.76 -3.35 -11.91
CA TRP B 15 -18.46 -2.42 -12.98
C TRP B 15 -19.51 -1.33 -13.13
N ALA B 16 -20.74 -1.56 -12.68
CA ALA B 16 -21.70 -0.46 -12.68
C ALA B 16 -21.31 0.59 -11.65
N ALA B 17 -20.88 0.16 -10.46
CA ALA B 17 -20.45 1.11 -9.43
C ALA B 17 -19.26 1.92 -9.90
N ILE B 18 -18.36 1.31 -10.67
CA ILE B 18 -17.21 2.06 -11.16
C ILE B 18 -17.64 3.05 -12.23
N ALA B 19 -18.54 2.65 -13.12
CA ALA B 19 -19.07 3.59 -14.10
C ALA B 19 -19.75 4.78 -13.41
N LYS B 20 -20.51 4.52 -12.34
CA LYS B 20 -21.15 5.62 -11.61
C LYS B 20 -20.12 6.52 -10.93
N GLU B 21 -18.99 5.97 -10.49
CA GLU B 21 -17.97 6.83 -9.91
C GLU B 21 -17.28 7.65 -10.99
N GLU B 22 -17.18 7.12 -12.19
CA GLU B 22 -16.63 7.91 -13.28
C GLU B 22 -17.56 9.06 -13.65
N GLU B 23 -18.87 8.85 -13.57
CA GLU B 23 -19.80 9.95 -13.82
C GLU B 23 -19.78 10.96 -12.69
N ARG B 24 -19.66 10.47 -11.44
CA ARG B 24 -19.61 11.39 -10.31
C ARG B 24 -18.43 12.33 -10.44
N GLN B 25 -17.27 11.81 -10.86
CA GLN B 25 -16.12 12.68 -11.03
C GLN B 25 -16.34 13.65 -12.19
N GLU B 26 -17.08 13.23 -13.21
CA GLU B 26 -17.33 14.12 -14.35
C GLU B 26 -18.29 15.25 -14.00
N HIS B 27 -19.36 14.94 -13.25
CA HIS B 27 -20.46 15.86 -12.98
C HIS B 27 -20.30 16.66 -11.69
N ASN B 28 -19.27 16.42 -10.90
CA ASN B 28 -19.09 17.18 -9.67
C ASN B 28 -17.89 18.09 -9.81
N LEU B 29 -17.90 19.15 -9.00
CA LEU B 29 -16.71 19.97 -8.80
C LEU B 29 -15.95 19.37 -7.61
N GLU B 30 -14.78 18.79 -7.87
CA GLU B 30 -13.95 18.21 -6.82
C GLU B 30 -13.09 19.31 -6.24
N LEU B 31 -13.38 19.68 -4.99
CA LEU B 31 -12.64 20.73 -4.32
C LEU B 31 -11.87 20.22 -3.11
N ILE B 32 -11.85 18.91 -2.87
CA ILE B 32 -11.04 18.36 -1.79
C ILE B 32 -9.57 18.64 -2.08
N ALA B 33 -8.89 19.27 -1.13
CA ALA B 33 -7.59 19.85 -1.43
C ALA B 33 -6.53 18.79 -1.75
N SER B 34 -6.68 17.57 -1.23
CA SER B 34 -5.71 16.51 -1.39
C SER B 34 -6.01 15.60 -2.57
N GLU B 35 -6.99 15.94 -3.40
CA GLU B 35 -7.31 15.08 -4.53
C GLU B 35 -6.83 15.70 -5.83
N ASN B 36 -6.74 14.85 -6.86
CA ASN B 36 -6.32 15.26 -8.18
C ASN B 36 -6.87 14.23 -9.17
N PHE B 37 -6.61 14.44 -10.45
CA PHE B 37 -6.96 13.49 -11.51
C PHE B 37 -5.67 13.13 -12.23
N VAL B 38 -5.23 11.88 -12.07
CA VAL B 38 -4.01 11.42 -12.71
C VAL B 38 -4.27 11.19 -14.19
N SER B 39 -3.18 11.21 -14.97
CA SER B 39 -3.24 11.02 -16.40
C SER B 39 -3.59 9.57 -16.75
N GLU B 40 -3.94 9.38 -18.03
CA GLU B 40 -4.23 8.04 -18.53
C GLU B 40 -3.00 7.15 -18.49
N ALA B 41 -1.80 7.72 -18.66
CA ALA B 41 -0.57 6.95 -18.53
C ALA B 41 -0.39 6.44 -17.11
N VAL B 42 -0.69 7.26 -16.10
CA VAL B 42 -0.54 6.79 -14.72
C VAL B 42 -1.48 5.61 -14.49
N MET B 43 -2.74 5.73 -14.93
CA MET B 43 -3.70 4.64 -14.73
C MET B 43 -3.31 3.38 -15.50
N ALA B 44 -2.75 3.54 -16.70
CA ALA B 44 -2.30 2.36 -17.45
C ALA B 44 -1.13 1.66 -16.76
N ALA B 45 -0.18 2.43 -16.20
CA ALA B 45 0.88 1.80 -15.41
C ALA B 45 0.30 0.98 -14.26
N GLN B 46 -0.66 1.56 -13.51
CA GLN B 46 -1.26 0.86 -12.39
C GLN B 46 -2.07 -0.34 -12.84
N GLY B 47 -2.57 -0.32 -14.08
CA GLY B 47 -3.31 -1.46 -14.59
C GLY B 47 -2.46 -2.43 -15.39
N SER B 48 -1.14 -2.43 -15.23
CA SER B 48 -0.27 -3.27 -16.03
C SER B 48 0.04 -4.60 -15.34
N ILE B 49 0.84 -5.44 -16.02
CA ILE B 49 1.22 -6.75 -15.48
C ILE B 49 2.28 -6.63 -14.39
N LEU B 50 2.75 -5.42 -14.07
CA LEU B 50 3.71 -5.28 -12.99
C LEU B 50 3.14 -5.74 -11.66
N THR B 51 1.81 -5.77 -11.51
CA THR B 51 1.22 -6.26 -10.28
C THR B 51 1.59 -7.72 -9.99
N ASN B 52 2.04 -8.47 -11.00
CA ASN B 52 2.33 -9.90 -10.87
C ASN B 52 3.71 -10.19 -10.28
N LYS B 53 4.61 -9.21 -10.17
CA LYS B 53 6.00 -9.47 -9.81
C LYS B 53 6.26 -9.25 -8.31
N TYR B 54 6.77 -10.28 -7.63
CA TYR B 54 7.36 -10.11 -6.30
C TYR B 54 8.77 -9.57 -6.43
N ALA B 55 9.07 -8.50 -5.68
CA ALA B 55 10.32 -7.78 -5.87
C ALA B 55 10.84 -7.22 -4.55
N GLU B 56 10.74 -8.00 -3.48
CA GLU B 56 11.32 -7.60 -2.19
C GLU B 56 12.80 -7.24 -2.37
N GLY B 57 13.24 -6.23 -1.63
CA GLY B 57 14.57 -5.70 -1.81
C GLY B 57 14.55 -4.44 -2.66
N TYR B 58 15.71 -4.12 -3.22
CA TYR B 58 15.92 -2.89 -3.95
C TYR B 58 16.61 -3.22 -5.27
N PRO B 59 16.54 -2.34 -6.26
CA PRO B 59 17.09 -2.65 -7.59
C PRO B 59 18.51 -3.19 -7.48
N GLY B 60 18.76 -4.33 -8.14
CA GLY B 60 20.07 -4.92 -8.12
C GLY B 60 20.39 -5.73 -6.89
N HIS B 61 19.48 -5.79 -5.90
CA HIS B 61 19.65 -6.60 -4.70
C HIS B 61 18.26 -7.08 -4.29
N ARG B 62 17.66 -7.91 -5.14
CA ARG B 62 16.33 -8.44 -4.89
C ARG B 62 16.45 -9.81 -4.25
N TYR B 63 15.36 -10.26 -3.63
CA TYR B 63 15.25 -11.59 -3.05
C TYR B 63 14.50 -12.57 -3.94
N TYR B 64 14.24 -12.22 -5.20
CA TYR B 64 13.59 -13.12 -6.15
C TYR B 64 14.31 -13.05 -7.50
N GLY B 65 14.23 -14.13 -8.25
CA GLY B 65 14.62 -14.07 -9.64
C GLY B 65 13.68 -13.22 -10.47
N GLY B 66 14.16 -12.86 -11.68
CA GLY B 66 13.32 -12.24 -12.68
C GLY B 66 13.07 -10.75 -12.55
N CYS B 67 13.89 -10.00 -11.81
CA CYS B 67 13.57 -8.60 -11.55
C CYS B 67 14.30 -7.63 -12.49
N GLU B 68 14.98 -8.13 -13.52
CA GLU B 68 15.88 -7.31 -14.32
C GLU B 68 15.16 -6.14 -14.97
N PHE B 69 13.88 -6.28 -15.32
CA PHE B 69 13.18 -5.16 -15.95
C PHE B 69 12.35 -4.35 -14.97
N VAL B 70 11.82 -4.99 -13.93
CA VAL B 70 11.21 -4.27 -12.82
C VAL B 70 12.22 -3.31 -12.19
N ASP B 71 13.52 -3.67 -12.18
CA ASP B 71 14.54 -2.78 -11.64
C ASP B 71 14.67 -1.48 -12.45
N ILE B 72 14.43 -1.53 -13.76
CA ILE B 72 14.41 -0.30 -14.56
C ILE B 72 13.30 0.62 -14.09
N VAL B 73 12.10 0.07 -13.95
CA VAL B 73 10.94 0.85 -13.52
C VAL B 73 11.24 1.52 -12.18
N GLU B 74 11.74 0.75 -11.21
CA GLU B 74 11.99 1.36 -9.90
C GLU B 74 13.13 2.36 -9.96
N ASN B 75 14.15 2.09 -10.78
CA ASN B 75 15.25 3.04 -10.97
C ASN B 75 14.76 4.37 -11.55
N LEU B 76 13.81 4.31 -12.49
CA LEU B 76 13.30 5.55 -13.06
C LEU B 76 12.56 6.36 -12.01
N ALA B 77 11.73 5.71 -11.19
CA ALA B 77 11.03 6.43 -10.12
C ALA B 77 12.04 7.03 -9.14
N ILE B 78 13.03 6.24 -8.72
CA ILE B 78 14.04 6.75 -7.77
C ILE B 78 14.77 7.94 -8.38
N ASP B 79 15.26 7.77 -9.61
CA ASP B 79 16.15 8.77 -10.20
C ASP B 79 15.39 10.03 -10.57
N ARG B 80 14.16 9.90 -11.04
CA ARG B 80 13.37 11.10 -11.35
C ARG B 80 13.01 11.86 -10.08
N ALA B 81 12.81 11.16 -8.95
CA ALA B 81 12.55 11.87 -7.70
C ALA B 81 13.78 12.68 -7.26
N LYS B 82 14.97 12.12 -7.43
CA LYS B 82 16.20 12.85 -7.10
C LYS B 82 16.37 14.06 -8.01
N GLU B 83 15.97 13.91 -9.28
CA GLU B 83 16.05 15.02 -10.23
C GLU B 83 15.05 16.11 -9.89
N LEU B 84 13.82 15.72 -9.58
CA LEU B 84 12.78 16.69 -9.30
C LEU B 84 13.09 17.50 -8.06
N PHE B 85 13.59 16.86 -7.00
CA PHE B 85 13.71 17.49 -5.69
C PHE B 85 15.14 17.79 -5.27
N GLY B 86 16.13 17.36 -6.04
CA GLY B 86 17.50 17.59 -5.63
C GLY B 86 17.98 16.75 -4.47
N ALA B 87 17.30 15.65 -4.14
CA ALA B 87 17.78 14.76 -3.11
C ALA B 87 18.87 13.82 -3.64
N LYS B 88 19.79 13.44 -2.76
CA LYS B 88 20.81 12.45 -3.10
C LYS B 88 20.29 11.03 -3.00
N PHE B 89 19.27 10.80 -2.19
CA PHE B 89 18.74 9.46 -1.97
C PHE B 89 17.23 9.53 -1.99
N ALA B 90 16.61 8.52 -2.60
CA ALA B 90 15.16 8.43 -2.68
C ALA B 90 14.75 6.98 -2.53
N ASN B 91 13.68 6.77 -1.77
CA ASN B 91 13.04 5.47 -1.60
C ASN B 91 11.59 5.62 -2.04
N VAL B 92 11.19 4.86 -3.06
CA VAL B 92 9.86 5.03 -3.64
C VAL B 92 8.95 3.86 -3.30
N GLN B 93 9.34 3.00 -2.36
CA GLN B 93 8.51 1.84 -2.05
C GLN B 93 7.39 2.05 -1.02
N PRO B 94 7.37 3.09 -0.18
CA PRO B 94 6.25 3.22 0.77
C PRO B 94 4.89 3.15 0.11
N HIS B 95 4.04 2.24 0.63
CA HIS B 95 2.68 2.08 0.11
C HIS B 95 1.82 3.33 0.28
N SER B 96 2.19 4.23 1.17
CA SER B 96 1.35 5.39 1.44
C SER B 96 2.18 6.44 2.15
N GLY B 97 1.60 7.64 2.26
CA GLY B 97 2.18 8.66 3.10
C GLY B 97 2.34 8.21 4.54
N SER B 98 1.36 7.46 5.05
CA SER B 98 1.43 6.97 6.44
C SER B 98 2.61 6.02 6.63
N GLN B 99 2.81 5.09 5.68
CA GLN B 99 3.96 4.21 5.74
C GLN B 99 5.27 4.97 5.60
N ALA B 100 5.33 5.93 4.68
CA ALA B 100 6.52 6.78 4.57
C ALA B 100 6.86 7.40 5.91
N ASN B 101 5.85 7.94 6.61
CA ASN B 101 6.13 8.61 7.87
C ASN B 101 6.52 7.60 8.94
N THR B 102 5.85 6.44 8.99
CA THR B 102 6.26 5.38 9.91
C THR B 102 7.75 5.04 9.76
N ALA B 103 8.22 4.89 8.52
CA ALA B 103 9.59 4.49 8.27
C ALA B 103 10.56 5.62 8.63
N ALA B 104 10.19 6.86 8.27
CA ALA B 104 11.01 8.03 8.61
C ALA B 104 11.20 8.16 10.12
N TYR B 105 10.14 7.97 10.90
CA TYR B 105 10.31 8.01 12.35
C TYR B 105 11.26 6.92 12.82
N LEU B 106 11.12 5.70 12.27
CA LEU B 106 12.00 4.62 12.73
C LEU B 106 13.46 4.93 12.46
N ALA B 107 13.75 5.77 11.46
CA ALA B 107 15.12 6.10 11.15
C ALA B 107 15.65 7.28 11.96
N LEU B 108 14.81 7.94 12.75
CA LEU B 108 15.18 9.19 13.41
C LEU B 108 15.10 9.13 14.93
N VAL B 109 14.15 8.41 15.48
CA VAL B 109 13.84 8.44 16.91
C VAL B 109 13.61 7.02 17.40
N GLU B 110 13.51 6.89 18.71
CA GLU B 110 13.25 5.72 19.50
C GLU B 110 11.84 5.81 20.09
N PRO B 111 11.16 4.69 20.30
CA PRO B 111 9.85 4.76 20.96
C PRO B 111 9.97 5.45 22.31
N GLY B 112 9.03 6.34 22.59
CA GLY B 112 9.06 7.17 23.78
C GLY B 112 9.72 8.52 23.59
N ASP B 113 10.49 8.72 22.53
CA ASP B 113 11.11 10.02 22.33
C ASP B 113 10.05 11.12 22.17
N THR B 114 10.46 12.35 22.48
CA THR B 114 9.59 13.51 22.40
C THR B 114 9.69 14.12 21.01
N ILE B 115 8.55 14.32 20.36
CA ILE B 115 8.50 14.90 19.02
C ILE B 115 7.57 16.11 19.04
N LEU B 116 7.99 17.17 18.37
CA LEU B 116 7.24 18.41 18.26
C LEU B 116 6.67 18.52 16.85
N GLY B 117 5.33 18.39 16.72
CA GLY B 117 4.69 18.43 15.43
C GLY B 117 3.53 19.42 15.40
N MET B 118 3.01 19.66 14.20
CA MET B 118 1.95 20.66 14.06
C MET B 118 0.62 20.12 14.55
N ASP B 119 -0.07 20.93 15.35
CA ASP B 119 -1.32 20.53 15.99
C ASP B 119 -2.34 20.15 14.93
N LEU B 120 -3.15 19.14 15.26
CA LEU B 120 -4.10 18.61 14.29
C LEU B 120 -5.14 19.65 13.89
N SER B 121 -5.70 20.37 14.86
CA SER B 121 -6.69 21.39 14.55
C SER B 121 -6.09 22.63 13.88
N ALA B 122 -4.77 22.76 13.83
CA ALA B 122 -4.08 23.89 13.21
C ALA B 122 -3.47 23.55 11.87
N GLY B 123 -3.70 22.35 11.34
CA GLY B 123 -3.20 21.97 10.03
C GLY B 123 -2.33 20.73 10.02
N GLY B 124 -1.88 20.23 11.17
CA GLY B 124 -1.09 19.01 11.19
C GLY B 124 -1.91 17.81 10.76
N HIS B 125 -1.19 16.77 10.36
CA HIS B 125 -1.81 15.54 9.90
C HIS B 125 -1.88 14.52 11.03
N LEU B 126 -2.77 13.55 10.86
CA LEU B 126 -2.93 12.45 11.79
C LEU B 126 -1.58 11.83 12.19
N THR B 127 -0.70 11.55 11.20
CA THR B 127 0.60 10.94 11.48
C THR B 127 1.61 11.90 12.12
N HIS B 128 1.19 13.13 12.47
CA HIS B 128 2.03 14.07 13.22
C HIS B 128 1.64 14.14 14.70
N GLY B 129 1.17 13.03 15.28
CA GLY B 129 1.03 12.98 16.72
C GLY B 129 -0.30 12.56 17.32
N SER B 130 -1.26 12.20 16.49
CA SER B 130 -2.61 11.95 16.98
C SER B 130 -2.61 10.76 17.94
N PRO B 131 -3.35 10.84 19.06
CA PRO B 131 -3.34 9.72 20.03
C PRO B 131 -3.95 8.43 19.50
N VAL B 132 -4.77 8.47 18.44
CA VAL B 132 -5.33 7.25 17.87
C VAL B 132 -4.49 6.70 16.71
N ASN B 133 -3.38 7.34 16.40
CA ASN B 133 -2.46 6.95 15.34
C ASN B 133 -1.21 6.33 15.95
N PHE B 134 -0.52 5.49 15.15
CA PHE B 134 0.77 4.94 15.57
C PHE B 134 1.70 6.05 16.06
N SER B 135 1.63 7.23 15.44
CA SER B 135 2.56 8.30 15.81
C SER B 135 2.35 8.72 17.26
N GLY B 136 1.08 8.95 17.65
CA GLY B 136 0.80 9.37 19.00
C GLY B 136 0.96 8.25 20.02
N LYS B 137 0.76 7.00 19.60
CA LYS B 137 0.90 5.87 20.51
C LYS B 137 2.35 5.52 20.78
N THR B 138 3.24 5.70 19.81
CA THR B 138 4.60 5.19 19.89
C THR B 138 5.57 6.22 20.45
N TYR B 139 5.36 7.49 20.15
CA TYR B 139 6.24 8.57 20.55
C TYR B 139 5.45 9.56 21.42
N HIS B 140 6.17 10.42 22.12
CA HIS B 140 5.57 11.44 22.97
C HIS B 140 5.49 12.76 22.18
N PHE B 141 4.31 13.06 21.65
CA PHE B 141 4.14 14.22 20.79
C PHE B 141 3.66 15.44 21.58
N VAL B 142 4.27 16.58 21.28
CA VAL B 142 3.80 17.89 21.73
C VAL B 142 3.53 18.73 20.51
N ALA B 143 2.47 19.54 20.56
CA ALA B 143 1.99 20.26 19.41
C ALA B 143 2.38 21.74 19.45
N TYR B 144 2.56 22.31 18.27
CA TYR B 144 2.59 23.75 18.08
C TYR B 144 1.46 24.09 17.12
N GLY B 145 0.96 25.31 17.21
CA GLY B 145 -0.17 25.71 16.40
C GLY B 145 0.12 27.02 15.67
N VAL B 146 -0.96 27.79 15.46
CA VAL B 146 -0.89 29.10 14.83
C VAL B 146 -1.30 30.16 15.84
N ASP B 147 -0.79 31.36 15.63
CA ASP B 147 -1.17 32.49 16.46
C ASP B 147 -2.68 32.73 16.39
N PRO B 148 -3.34 33.02 17.51
CA PRO B 148 -4.80 33.20 17.48
C PRO B 148 -5.27 34.38 16.63
N THR B 149 -4.47 35.42 16.50
CA THR B 149 -4.93 36.59 15.76
C THR B 149 -4.53 36.57 14.27
N THR B 150 -3.31 36.13 13.94
CA THR B 150 -2.92 36.04 12.54
C THR B 150 -3.28 34.71 11.89
N GLU B 151 -3.45 33.66 12.69
CA GLU B 151 -3.66 32.29 12.21
C GLU B 151 -2.52 31.82 11.30
N VAL B 152 -1.31 32.33 11.49
CA VAL B 152 -0.11 31.76 10.89
C VAL B 152 0.78 31.23 12.02
N ILE B 153 1.76 30.41 11.64
CA ILE B 153 2.69 29.85 12.62
C ILE B 153 3.47 30.96 13.31
N ASP B 154 3.50 30.92 14.64
CA ASP B 154 4.33 31.83 15.42
C ASP B 154 5.63 31.10 15.72
N TYR B 155 6.70 31.49 15.03
CA TYR B 155 7.92 30.70 15.16
C TYR B 155 8.56 30.90 16.52
N ASN B 156 8.36 32.07 17.12
CA ASN B 156 8.88 32.28 18.47
C ASN B 156 8.24 31.32 19.47
N VAL B 157 6.95 31.01 19.29
CA VAL B 157 6.33 30.04 20.19
C VAL B 157 6.82 28.63 19.88
N VAL B 158 7.10 28.33 18.60
CA VAL B 158 7.75 27.07 18.27
C VAL B 158 9.11 26.99 18.97
N ARG B 159 9.87 28.08 18.97
CA ARG B 159 11.14 28.11 19.68
C ARG B 159 10.95 27.87 21.17
N ILE B 160 9.92 28.49 21.77
CA ILE B 160 9.66 28.30 23.20
C ILE B 160 9.37 26.84 23.50
N LEU B 161 8.46 26.24 22.71
CA LEU B 161 8.10 24.84 22.93
C LEU B 161 9.33 23.95 22.79
N ALA B 162 10.17 24.21 21.78
CA ALA B 162 11.36 23.39 21.60
C ALA B 162 12.27 23.47 22.82
N ARG B 163 12.48 24.68 23.33
CA ARG B 163 13.39 24.86 24.46
C ARG B 163 12.84 24.20 25.73
N LYS B 164 11.55 24.33 25.98
CA LYS B 164 10.97 23.71 27.17
C LYS B 164 10.95 22.20 27.05
N HIS B 165 10.53 21.65 25.90
CA HIS B 165 10.29 20.22 25.80
C HIS B 165 11.49 19.41 25.38
N GLN B 166 12.52 20.04 24.81
CA GLN B 166 13.72 19.34 24.36
C GLN B 166 13.38 18.15 23.46
N PRO B 167 12.70 18.38 22.35
CA PRO B 167 12.31 17.25 21.49
C PRO B 167 13.53 16.62 20.84
N LYS B 168 13.43 15.33 20.55
CA LYS B 168 14.46 14.70 19.71
C LYS B 168 14.25 15.03 18.24
N LEU B 169 13.01 15.32 17.86
CA LEU B 169 12.67 15.56 16.47
C LEU B 169 11.62 16.66 16.37
N ILE B 170 11.79 17.54 15.40
CA ILE B 170 10.74 18.51 15.05
C ILE B 170 10.22 18.11 13.68
N VAL B 171 8.89 18.01 13.57
CA VAL B 171 8.21 17.74 12.31
C VAL B 171 7.55 19.02 11.84
N ALA B 172 7.73 19.34 10.54
CA ALA B 172 7.04 20.44 9.90
C ALA B 172 6.36 19.93 8.65
N GLY B 173 5.36 20.68 8.19
CA GLY B 173 4.52 20.21 7.12
C GLY B 173 3.12 20.02 7.63
N ALA B 174 2.14 20.08 6.73
CA ALA B 174 0.76 20.27 7.17
C ALA B 174 -0.21 19.66 6.17
N SER B 175 -1.44 19.46 6.65
CA SER B 175 -2.56 19.00 5.84
C SER B 175 -3.54 20.11 5.51
N ALA B 176 -3.56 21.17 6.29
CA ALA B 176 -4.58 22.19 6.17
C ALA B 176 -4.00 23.56 6.48
N TYR B 177 -2.77 23.80 6.03
CA TYR B 177 -2.11 25.08 6.25
C TYR B 177 -1.89 25.75 4.90
N GLY B 178 -2.48 26.93 4.71
CA GLY B 178 -2.46 27.57 3.43
C GLY B 178 -1.34 28.55 3.18
N ARG B 179 -0.44 28.74 4.14
CA ARG B 179 0.61 29.74 4.03
C ARG B 179 1.97 29.08 3.87
N THR B 180 2.94 29.89 3.46
CA THR B 180 4.31 29.42 3.28
C THR B 180 4.89 28.94 4.60
N ILE B 181 5.53 27.78 4.58
CA ILE B 181 6.23 27.25 5.75
C ILE B 181 7.70 27.62 5.63
N ASP B 182 8.24 28.24 6.67
CA ASP B 182 9.63 28.69 6.69
C ASP B 182 10.49 27.55 7.22
N PHE B 183 10.98 26.71 6.30
CA PHE B 183 11.78 25.55 6.71
C PHE B 183 13.11 25.97 7.31
N ALA B 184 13.69 27.07 6.82
CA ALA B 184 14.95 27.56 7.39
C ALA B 184 14.79 27.88 8.88
N LYS B 185 13.65 28.47 9.26
CA LYS B 185 13.40 28.79 10.67
C LYS B 185 13.26 27.52 11.50
N PHE B 186 12.48 26.55 11.00
CA PHE B 186 12.38 25.27 11.69
C PHE B 186 13.76 24.64 11.87
N ARG B 187 14.62 24.73 10.86
CA ARG B 187 15.96 24.17 10.95
C ARG B 187 16.79 24.89 12.01
N GLU B 188 16.72 26.21 12.02
CA GLU B 188 17.44 26.97 13.04
C GLU B 188 16.92 26.63 14.43
N ILE B 189 15.59 26.54 14.59
CA ILE B 189 15.03 26.13 15.89
C ILE B 189 15.49 24.72 16.26
N ALA B 190 15.44 23.79 15.30
CA ALA B 190 15.88 22.43 15.60
C ALA B 190 17.35 22.41 16.01
N ASP B 191 18.18 23.18 15.33
CA ASP B 191 19.60 23.26 15.65
C ASP B 191 19.80 23.79 17.07
N GLU B 192 18.97 24.75 17.49
CA GLU B 192 19.18 25.39 18.78
C GLU B 192 19.07 24.39 19.91
N VAL B 193 18.16 23.42 19.79
CA VAL B 193 17.90 22.46 20.86
C VAL B 193 18.50 21.09 20.57
N GLY B 194 19.29 20.97 19.51
CA GLY B 194 19.85 19.66 19.18
C GLY B 194 18.85 18.63 18.73
N ALA B 195 17.76 19.06 18.10
CA ALA B 195 16.76 18.14 17.55
C ALA B 195 16.99 17.94 16.05
N LYS B 196 16.50 16.82 15.55
CA LYS B 196 16.48 16.63 14.11
C LYS B 196 15.22 17.27 13.51
N LEU B 197 15.22 17.44 12.19
CA LEU B 197 14.12 18.07 11.46
C LEU B 197 13.61 17.13 10.38
N MET B 198 12.31 16.79 10.44
CA MET B 198 11.62 16.01 9.43
C MET B 198 10.51 16.88 8.83
N VAL B 199 10.46 16.97 7.51
CA VAL B 199 9.42 17.71 6.81
C VAL B 199 8.54 16.73 6.04
N ASP B 200 7.22 16.85 6.25
CA ASP B 200 6.22 16.12 5.48
C ASP B 200 5.57 17.08 4.48
N MET B 201 6.06 17.04 3.23
CA MET B 201 5.62 17.94 2.18
C MET B 201 4.53 17.36 1.29
N ALA B 202 3.82 16.31 1.76
CA ALA B 202 2.81 15.63 0.96
C ALA B 202 1.92 16.60 0.17
N HIS B 203 1.40 17.63 0.84
CA HIS B 203 0.44 18.54 0.20
C HIS B 203 1.10 19.41 -0.86
N ILE B 204 2.33 19.89 -0.60
CA ILE B 204 2.93 20.92 -1.44
C ILE B 204 4.02 20.35 -2.36
N ALA B 205 4.17 19.03 -2.43
CA ALA B 205 5.26 18.43 -3.19
C ALA B 205 5.30 18.92 -4.65
N GLY B 206 4.13 19.01 -5.31
CA GLY B 206 4.12 19.49 -6.69
C GLY B 206 4.54 20.94 -6.80
N LEU B 207 4.11 21.77 -5.83
CA LEU B 207 4.52 23.16 -5.82
C LEU B 207 6.01 23.29 -5.56
N VAL B 208 6.54 22.42 -4.70
CA VAL B 208 7.99 22.40 -4.44
C VAL B 208 8.76 22.04 -5.71
N ALA B 209 8.34 20.96 -6.40
CA ALA B 209 9.00 20.58 -7.64
C ALA B 209 8.94 21.69 -8.67
N ALA B 210 7.80 22.38 -8.77
CA ALA B 210 7.71 23.47 -9.74
C ALA B 210 8.49 24.70 -9.30
N GLY B 211 9.06 24.69 -8.10
CA GLY B 211 9.81 25.84 -7.63
C GLY B 211 8.94 26.97 -7.10
N LEU B 212 7.69 26.68 -6.73
CA LEU B 212 6.74 27.70 -6.26
C LEU B 212 6.54 27.68 -4.75
N HIS B 213 7.26 26.82 -4.03
CA HIS B 213 7.30 26.81 -2.57
C HIS B 213 8.75 26.52 -2.22
N PRO B 214 9.26 27.14 -1.15
CA PRO B 214 10.60 26.79 -0.67
C PRO B 214 10.77 25.26 -0.57
N ASN B 215 11.93 24.79 -1.02
CA ASN B 215 12.24 23.35 -1.00
C ASN B 215 12.77 22.95 0.38
N PRO B 216 12.09 22.04 1.09
CA PRO B 216 12.61 21.58 2.39
C PRO B 216 13.75 20.58 2.29
N VAL B 217 13.97 19.98 1.12
CA VAL B 217 14.95 18.88 1.02
C VAL B 217 16.31 19.30 1.54
N PRO B 218 16.85 20.49 1.21
CA PRO B 218 18.17 20.85 1.75
C PRO B 218 18.20 21.07 3.25
N TYR B 219 17.05 21.33 3.91
CA TYR B 219 17.03 21.65 5.33
C TYR B 219 16.75 20.45 6.21
N ALA B 220 15.89 19.55 5.77
CA ALA B 220 15.40 18.48 6.63
C ALA B 220 16.37 17.31 6.64
N ASP B 221 16.49 16.66 7.80
CA ASP B 221 17.22 15.39 7.82
C ASP B 221 16.54 14.38 6.92
N ILE B 222 15.21 14.28 7.01
CA ILE B 222 14.40 13.41 6.15
C ILE B 222 13.18 14.20 5.69
N THR B 223 12.87 14.10 4.39
CA THR B 223 11.65 14.64 3.81
C THR B 223 10.78 13.48 3.34
N THR B 224 9.54 13.43 3.81
CA THR B 224 8.55 12.49 3.30
C THR B 224 7.52 13.20 2.43
N THR B 225 6.84 12.41 1.62
CA THR B 225 5.78 12.94 0.79
C THR B 225 4.88 11.79 0.34
N THR B 226 3.66 12.15 -0.05
CA THR B 226 2.82 11.31 -0.88
C THR B 226 3.10 11.63 -2.34
N THR B 227 2.69 10.73 -3.22
CA THR B 227 2.85 10.97 -4.64
C THR B 227 1.57 11.45 -5.31
N HIS B 228 0.44 11.51 -4.58
CA HIS B 228 -0.87 11.73 -5.19
C HIS B 228 -1.52 13.09 -4.91
N LYS B 229 -0.83 14.06 -4.34
CA LYS B 229 -1.64 15.29 -4.14
C LYS B 229 -1.33 16.33 -5.22
N THR B 230 -0.55 17.36 -4.91
CA THR B 230 -0.16 18.29 -5.97
C THR B 230 0.81 17.66 -6.96
N LEU B 231 1.46 16.54 -6.58
CA LEU B 231 2.35 15.87 -7.51
C LEU B 231 1.59 15.16 -8.61
N ARG B 232 0.29 14.89 -8.39
CA ARG B 232 -0.60 14.31 -9.38
C ARG B 232 -0.20 12.88 -9.78
N GLY B 233 0.24 12.08 -8.82
CA GLY B 233 0.61 10.72 -9.10
C GLY B 233 -0.35 9.75 -8.46
N PRO B 234 -0.07 8.45 -8.57
CA PRO B 234 -0.90 7.46 -7.88
C PRO B 234 -0.77 7.62 -6.36
N ARG B 235 -1.70 6.99 -5.65
CA ARG B 235 -1.62 6.94 -4.18
C ARG B 235 -0.43 6.10 -3.74
N GLY B 236 0.41 6.68 -2.89
CA GLY B 236 1.61 6.02 -2.41
C GLY B 236 2.48 7.04 -1.70
N GLY B 237 3.61 6.54 -1.18
CA GLY B 237 4.55 7.36 -0.44
C GLY B 237 5.96 7.38 -1.03
N MET B 238 6.79 8.21 -0.41
CA MET B 238 8.15 8.40 -0.86
C MET B 238 8.95 9.07 0.26
N ILE B 239 10.23 8.71 0.35
CA ILE B 239 11.12 9.22 1.38
C ILE B 239 12.40 9.70 0.73
N LEU B 240 12.83 10.91 1.08
CA LEU B 240 14.02 11.57 0.54
C LEU B 240 14.97 11.99 1.66
N THR B 241 16.27 11.98 1.36
CA THR B 241 17.26 12.44 2.32
C THR B 241 18.53 12.76 1.56
N ASN B 242 19.41 13.53 2.21
CA ASN B 242 20.71 13.86 1.64
C ASN B 242 21.85 13.21 2.39
N ASP B 243 21.55 12.34 3.34
CA ASP B 243 22.56 11.76 4.21
C ASP B 243 22.57 10.25 4.03
N GLU B 244 23.70 9.73 3.53
CA GLU B 244 23.78 8.31 3.18
C GLU B 244 23.46 7.42 4.37
N ALA B 245 23.87 7.81 5.57
CA ALA B 245 23.61 6.98 6.73
C ALA B 245 22.13 6.95 7.10
N LEU B 246 21.40 8.05 6.89
CA LEU B 246 19.95 7.98 7.10
C LEU B 246 19.31 7.15 5.99
N ALA B 247 19.83 7.27 4.78
CA ALA B 247 19.29 6.49 3.67
C ALA B 247 19.34 5.01 3.97
N LYS B 248 20.44 4.53 4.54
CA LYS B 248 20.53 3.11 4.89
C LYS B 248 19.47 2.75 5.92
N LYS B 249 19.28 3.59 6.93
CA LYS B 249 18.26 3.32 7.93
C LYS B 249 16.86 3.40 7.32
N ILE B 250 16.60 4.40 6.47
CA ILE B 250 15.32 4.50 5.76
C ILE B 250 15.03 3.21 5.00
N ASN B 251 16.01 2.74 4.22
CA ASN B 251 15.78 1.60 3.35
C ASN B 251 15.46 0.35 4.16
N SER B 252 16.15 0.14 5.29
CA SER B 252 15.90 -1.02 6.16
C SER B 252 14.56 -0.90 6.87
N ALA B 253 14.21 0.33 7.27
CA ALA B 253 12.92 0.53 7.93
C ALA B 253 11.77 0.22 6.98
N VAL B 254 11.88 0.63 5.71
CA VAL B 254 10.82 0.33 4.74
C VAL B 254 10.72 -1.19 4.54
N PHE B 255 11.84 -1.83 4.21
CA PHE B 255 11.92 -3.28 4.02
C PHE B 255 13.29 -3.76 4.51
N PRO B 256 13.35 -4.76 5.40
CA PRO B 256 12.27 -5.62 5.90
C PRO B 256 11.53 -5.06 7.11
N GLY B 257 11.70 -3.77 7.39
CA GLY B 257 11.18 -3.23 8.64
C GLY B 257 9.66 -3.26 8.75
N ILE B 258 8.95 -2.58 7.84
CA ILE B 258 7.51 -2.44 8.04
C ILE B 258 6.71 -2.89 6.83
N GLN B 259 7.38 -3.10 5.68
CA GLN B 259 6.73 -3.55 4.46
C GLN B 259 7.34 -4.86 3.97
N GLY B 260 6.64 -5.50 3.05
CA GLY B 260 7.16 -6.66 2.34
C GLY B 260 7.42 -6.36 0.87
N GLY B 261 6.70 -7.03 -0.03
CA GLY B 261 6.80 -6.72 -1.44
C GLY B 261 6.33 -5.32 -1.75
N PRO B 262 7.05 -4.61 -2.63
CA PRO B 262 6.57 -3.31 -3.10
C PRO B 262 5.51 -3.48 -4.18
N LEU B 263 4.75 -2.41 -4.41
CA LEU B 263 3.70 -2.41 -5.44
C LEU B 263 4.31 -1.84 -6.71
N GLU B 264 4.91 -2.70 -7.54
CA GLU B 264 5.68 -2.16 -8.68
C GLU B 264 4.81 -1.56 -9.77
N HIS B 265 3.53 -1.94 -9.89
CA HIS B 265 2.66 -1.25 -10.84
C HIS B 265 2.38 0.17 -10.37
N VAL B 266 2.22 0.37 -9.06
CA VAL B 266 2.08 1.72 -8.52
C VAL B 266 3.39 2.50 -8.68
N ILE B 267 4.54 1.84 -8.46
CA ILE B 267 5.82 2.53 -8.62
C ILE B 267 6.02 2.96 -10.07
N ALA B 268 5.62 2.13 -11.03
CA ALA B 268 5.61 2.58 -12.43
C ALA B 268 4.75 3.83 -12.59
N GLY B 269 3.60 3.86 -11.92
CA GLY B 269 2.78 5.07 -11.94
C GLY B 269 3.51 6.26 -11.35
N LYS B 270 4.26 6.05 -10.26
CA LYS B 270 5.10 7.12 -9.71
C LYS B 270 6.09 7.60 -10.75
N ALA B 271 6.76 6.66 -11.42
CA ALA B 271 7.73 7.03 -12.44
C ALA B 271 7.07 7.82 -13.56
N VAL B 272 5.87 7.40 -13.96
CA VAL B 272 5.16 8.13 -15.01
C VAL B 272 4.90 9.56 -14.56
N ALA B 273 4.34 9.71 -13.35
CA ALA B 273 3.99 11.04 -12.85
C ALA B 273 5.22 11.92 -12.69
N PHE B 274 6.34 11.35 -12.26
CA PHE B 274 7.55 12.15 -12.05
C PHE B 274 8.06 12.74 -13.35
N LYS B 275 8.04 11.97 -14.45
CA LYS B 275 8.45 12.54 -15.73
C LYS B 275 7.46 13.57 -16.24
N GLU B 276 6.17 13.39 -15.96
CA GLU B 276 5.21 14.45 -16.28
C GLU B 276 5.54 15.71 -15.50
N ALA B 277 6.03 15.56 -14.27
CA ALA B 277 6.38 16.72 -13.47
C ALA B 277 7.69 17.35 -13.92
N LEU B 278 8.55 16.61 -14.62
CA LEU B 278 9.74 17.19 -15.22
C LEU B 278 9.44 18.03 -16.46
N ASP B 279 8.28 17.84 -17.09
CA ASP B 279 7.95 18.63 -18.27
C ASP B 279 7.68 20.08 -17.89
N PRO B 280 8.09 21.06 -18.72
CA PRO B 280 7.83 22.48 -18.40
C PRO B 280 6.36 22.81 -18.22
N ALA B 281 5.47 22.07 -18.89
CA ALA B 281 4.04 22.28 -18.68
C ALA B 281 3.65 22.09 -17.23
N PHE B 282 4.45 21.37 -16.43
CA PHE B 282 4.01 21.10 -15.07
C PHE B 282 4.15 22.33 -14.19
N LYS B 283 5.16 23.16 -14.48
CA LYS B 283 5.31 24.43 -13.80
C LYS B 283 4.12 25.36 -14.09
N GLU B 284 3.64 25.37 -15.34
CA GLU B 284 2.47 26.18 -15.67
C GLU B 284 1.24 25.69 -14.94
N TYR B 285 1.02 24.36 -14.94
CA TYR B 285 -0.04 23.77 -14.12
C TYR B 285 0.03 24.27 -12.68
N SER B 286 1.22 24.21 -12.08
CA SER B 286 1.36 24.54 -10.66
C SER B 286 1.13 26.02 -10.41
N GLU B 287 1.59 26.87 -11.34
CA GLU B 287 1.30 28.30 -11.23
C GLU B 287 -0.20 28.55 -11.27
N GLN B 288 -0.90 27.87 -12.19
CA GLN B 288 -2.34 28.03 -12.29
C GLN B 288 -3.04 27.59 -11.02
N ILE B 289 -2.53 26.52 -10.37
CA ILE B 289 -3.12 26.06 -9.11
C ILE B 289 -3.17 27.18 -8.10
N ILE B 290 -2.06 27.90 -7.95
CA ILE B 290 -1.98 28.92 -6.91
C ILE B 290 -2.76 30.16 -7.31
N ALA B 291 -2.67 30.56 -8.58
CA ALA B 291 -3.48 31.66 -9.09
C ALA B 291 -4.97 31.40 -8.88
N ASN B 292 -5.43 30.19 -9.23
CA ASN B 292 -6.83 29.84 -8.99
C ASN B 292 -7.18 29.93 -7.51
N ALA B 293 -6.27 29.49 -6.63
CA ALA B 293 -6.54 29.48 -5.21
C ALA B 293 -6.64 30.90 -4.65
N LYS B 294 -5.74 31.78 -5.09
CA LYS B 294 -5.80 33.17 -4.65
C LYS B 294 -7.08 33.85 -5.15
N ALA B 295 -7.50 33.53 -6.39
CA ALA B 295 -8.74 34.09 -6.91
C ALA B 295 -9.94 33.65 -6.08
N MET B 296 -9.96 32.40 -5.64
CA MET B 296 -11.07 31.97 -4.79
C MET B 296 -11.00 32.65 -3.43
N VAL B 297 -9.80 32.90 -2.92
CA VAL B 297 -9.69 33.53 -1.61
C VAL B 297 -10.20 34.97 -1.68
N LYS B 298 -9.98 35.65 -2.80
CA LYS B 298 -10.51 37.00 -2.97
C LYS B 298 -12.04 37.00 -2.89
N VAL B 299 -12.70 36.06 -3.57
CA VAL B 299 -14.16 35.97 -3.52
C VAL B 299 -14.63 35.75 -2.09
N PHE B 300 -14.09 34.72 -1.41
CA PHE B 300 -14.52 34.42 -0.05
C PHE B 300 -14.21 35.57 0.90
N ASN B 301 -13.13 36.30 0.66
CA ASN B 301 -12.81 37.43 1.54
C ASN B 301 -13.89 38.51 1.43
N GLN B 302 -14.37 38.78 0.21
CA GLN B 302 -15.39 39.78 -0.04
C GLN B 302 -16.80 39.27 0.17
N ALA B 303 -16.97 38.05 0.67
CA ALA B 303 -18.30 37.47 0.82
C ALA B 303 -18.75 37.55 2.28
N ILE B 304 -20.06 37.56 2.47
CA ILE B 304 -20.65 37.71 3.80
C ILE B 304 -20.82 36.31 4.38
N GLY B 305 -20.04 35.99 5.40
CA GLY B 305 -20.23 34.75 6.13
C GLY B 305 -19.18 33.70 5.93
N THR B 306 -18.25 33.88 4.99
CA THR B 306 -17.18 32.90 4.71
C THR B 306 -15.84 33.53 5.09
N ARG B 307 -15.32 33.19 6.26
CA ARG B 307 -14.06 33.78 6.72
C ARG B 307 -12.89 32.88 6.33
N VAL B 308 -11.93 33.44 5.59
CA VAL B 308 -10.71 32.73 5.22
C VAL B 308 -9.74 32.75 6.38
N ILE B 309 -9.46 31.57 6.95
CA ILE B 309 -8.42 31.44 7.96
C ILE B 309 -7.13 32.08 7.47
N SER B 310 -6.59 33.00 8.28
CA SER B 310 -5.37 33.77 8.02
C SER B 310 -5.56 34.84 6.94
N GLY B 311 -6.71 34.83 6.26
CA GLY B 311 -7.05 35.87 5.30
C GLY B 311 -6.34 35.80 3.95
N ALA B 312 -5.38 34.89 3.77
CA ALA B 312 -4.72 34.74 2.47
C ALA B 312 -4.33 33.27 2.26
N THR B 313 -3.95 32.95 1.03
CA THR B 313 -3.32 31.67 0.73
C THR B 313 -2.05 31.90 -0.09
N ASP B 314 -1.04 31.07 0.18
CA ASP B 314 0.16 31.02 -0.64
C ASP B 314 0.24 29.76 -1.47
N ASN B 315 -0.65 28.80 -1.25
CA ASN B 315 -0.48 27.56 -1.99
C ASN B 315 -1.77 27.16 -2.68
N HIS B 316 -2.14 25.89 -2.55
CA HIS B 316 -3.27 25.32 -3.27
C HIS B 316 -4.56 25.32 -2.45
N LEU B 317 -4.51 25.58 -1.15
CA LEU B 317 -5.67 25.33 -0.31
C LEU B 317 -6.06 26.54 0.51
N MET B 318 -7.27 26.45 1.07
CA MET B 318 -7.82 27.45 1.96
C MET B 318 -8.76 26.76 2.95
N LEU B 319 -8.82 27.30 4.15
CA LEU B 319 -9.80 26.93 5.15
C LEU B 319 -10.80 28.06 5.31
N ILE B 320 -12.08 27.74 5.26
CA ILE B 320 -13.16 28.70 5.41
C ILE B 320 -13.88 28.44 6.73
N ASP B 321 -13.89 29.45 7.60
CA ASP B 321 -14.79 29.45 8.76
C ASP B 321 -16.22 29.76 8.30
N VAL B 322 -17.16 28.85 8.59
CA VAL B 322 -18.53 28.95 8.08
C VAL B 322 -19.53 29.24 9.19
N ARG B 323 -19.08 29.51 10.41
CA ARG B 323 -20.01 29.58 11.55
C ARG B 323 -20.99 30.74 11.41
N GLU B 324 -20.53 31.88 10.90
CA GLU B 324 -21.38 33.06 10.75
C GLU B 324 -22.54 32.85 9.78
N LEU B 325 -22.57 31.72 9.07
CA LEU B 325 -23.74 31.35 8.28
C LEU B 325 -24.62 30.33 8.99
N GLY B 326 -24.49 30.24 10.31
CA GLY B 326 -25.37 29.38 11.09
C GLY B 326 -25.26 27.91 10.79
N ILE B 327 -24.19 27.50 10.10
CA ILE B 327 -23.92 26.08 9.86
C ILE B 327 -22.55 25.75 10.44
N ASN B 328 -22.32 24.47 10.62
CA ASN B 328 -21.00 23.98 10.94
C ASN B 328 -20.41 23.32 9.69
N GLY B 329 -19.26 22.65 9.86
CA GLY B 329 -18.54 22.15 8.70
C GLY B 329 -19.26 21.00 8.01
N LYS B 330 -19.75 20.03 8.80
CA LYS B 330 -20.49 18.89 8.25
C LYS B 330 -21.74 19.35 7.51
N GLU B 331 -22.39 20.40 8.01
CA GLU B 331 -23.54 20.96 7.33
C GLU B 331 -23.14 21.59 6.00
N ALA B 332 -22.17 22.51 6.03
CA ALA B 332 -21.73 23.15 4.80
C ALA B 332 -21.30 22.13 3.77
N GLU B 333 -20.62 21.07 4.22
CA GLU B 333 -20.21 20.03 3.29
C GLU B 333 -21.42 19.29 2.72
N SER B 334 -22.41 19.02 3.57
CA SER B 334 -23.62 18.35 3.12
C SER B 334 -24.41 19.23 2.16
N ILE B 335 -24.52 20.53 2.47
CA ILE B 335 -25.15 21.47 1.55
C ILE B 335 -24.47 21.40 0.19
N LEU B 336 -23.14 21.55 0.17
CA LEU B 336 -22.42 21.59 -1.09
C LEU B 336 -22.51 20.27 -1.83
N ASP B 337 -22.58 19.16 -1.10
CA ASP B 337 -22.76 17.86 -1.74
C ASP B 337 -24.05 17.78 -2.53
N SER B 338 -25.11 18.43 -2.02
CA SER B 338 -26.41 18.41 -2.68
C SER B 338 -26.42 19.19 -3.98
N VAL B 339 -25.44 20.06 -4.22
CA VAL B 339 -25.35 20.79 -5.47
C VAL B 339 -24.14 20.35 -6.29
N ASN B 340 -23.63 19.14 -6.03
CA ASN B 340 -22.54 18.55 -6.82
C ASN B 340 -21.24 19.35 -6.65
N ILE B 341 -20.96 19.80 -5.44
CA ILE B 341 -19.70 20.44 -5.08
C ILE B 341 -19.11 19.67 -3.91
N THR B 342 -17.96 19.05 -4.12
CA THR B 342 -17.34 18.17 -3.12
C THR B 342 -16.23 18.90 -2.38
N VAL B 343 -16.42 19.08 -1.06
CA VAL B 343 -15.40 19.57 -0.14
C VAL B 343 -15.22 18.56 0.98
N ASN B 344 -14.53 18.95 2.07
CA ASN B 344 -14.64 18.20 3.32
C ASN B 344 -14.69 19.16 4.49
N LYS B 345 -15.46 18.79 5.51
CA LYS B 345 -15.41 19.44 6.81
C LYS B 345 -13.96 19.47 7.32
N ASN B 346 -13.64 20.48 8.13
CA ASN B 346 -12.28 20.61 8.64
C ASN B 346 -12.29 21.50 9.87
N SER B 347 -11.53 21.10 10.89
CA SER B 347 -11.38 21.95 12.06
C SER B 347 -10.64 23.23 11.69
N ILE B 348 -10.85 24.26 12.49
CA ILE B 348 -10.14 25.52 12.29
C ILE B 348 -9.26 25.73 13.50
N PRO B 349 -8.29 26.64 13.43
CA PRO B 349 -7.47 26.95 14.62
C PRO B 349 -8.35 27.24 15.83
N PHE B 350 -7.99 26.66 16.98
CA PHE B 350 -8.72 26.87 18.23
C PHE B 350 -10.19 26.48 18.08
N GLU B 351 -10.42 25.41 17.32
CA GLU B 351 -11.76 24.87 17.09
C GLU B 351 -12.51 24.63 18.40
N THR B 352 -13.79 25.01 18.43
CA THR B 352 -14.63 24.84 19.61
C THR B 352 -15.67 23.72 19.49
N LEU B 353 -16.00 23.25 18.29
CA LEU B 353 -16.96 22.16 18.13
C LEU B 353 -16.25 20.81 18.11
N SER B 354 -17.02 19.73 18.09
CA SER B 354 -16.44 18.41 18.08
C SER B 354 -15.90 18.07 16.69
N PRO B 355 -14.92 17.15 16.60
CA PRO B 355 -14.36 16.83 15.27
C PRO B 355 -15.40 16.33 14.29
N PHE B 356 -16.52 15.83 14.78
CA PHE B 356 -17.58 15.31 13.93
C PHE B 356 -18.44 16.41 13.32
N LYS B 357 -18.30 17.65 13.79
CA LYS B 357 -19.00 18.79 13.23
C LYS B 357 -18.06 19.83 12.62
N THR B 358 -17.04 20.27 13.37
CA THR B 358 -16.08 21.32 13.01
C THR B 358 -16.74 22.63 12.61
N SER B 359 -15.96 23.71 12.54
CA SER B 359 -16.48 25.01 12.15
C SER B 359 -16.17 25.37 10.70
N GLY B 360 -15.54 24.47 9.93
CA GLY B 360 -15.08 24.91 8.64
C GLY B 360 -15.14 23.87 7.54
N ILE B 361 -14.82 24.34 6.34
CA ILE B 361 -14.54 23.46 5.22
C ILE B 361 -13.13 23.74 4.73
N ARG B 362 -12.59 22.79 3.99
CA ARG B 362 -11.31 22.97 3.31
C ARG B 362 -11.55 22.86 1.82
N ILE B 363 -10.98 23.80 1.06
CA ILE B 363 -11.09 23.81 -0.39
C ILE B 363 -9.69 23.92 -0.99
N GLY B 364 -9.46 23.19 -2.08
CA GLY B 364 -8.23 23.36 -2.85
C GLY B 364 -8.47 23.22 -4.34
N THR B 365 -7.58 23.82 -5.12
CA THR B 365 -7.76 23.91 -6.56
C THR B 365 -7.00 22.92 -7.45
N PRO B 366 -6.19 21.97 -6.94
CA PRO B 366 -5.40 21.16 -7.89
C PRO B 366 -6.23 20.34 -8.86
N ALA B 367 -7.35 19.78 -8.41
CA ALA B 367 -8.17 18.94 -9.26
C ALA B 367 -8.87 19.76 -10.35
N ILE B 368 -9.51 20.87 -9.97
CA ILE B 368 -10.19 21.68 -10.98
C ILE B 368 -9.17 22.33 -11.89
N THR B 369 -7.96 22.63 -11.39
CA THR B 369 -6.95 23.16 -12.29
C THR B 369 -6.56 22.12 -13.33
N THR B 370 -6.48 20.84 -12.93
CA THR B 370 -6.17 19.77 -13.86
C THR B 370 -7.23 19.69 -14.98
N ARG B 371 -8.51 19.87 -14.64
CA ARG B 371 -9.59 19.90 -15.63
C ARG B 371 -9.48 21.07 -16.61
N GLY B 372 -8.67 22.09 -16.32
CA GLY B 372 -8.48 23.21 -17.21
C GLY B 372 -9.01 24.55 -16.71
N PHE B 373 -9.60 24.59 -15.50
CA PHE B 373 -10.14 25.83 -14.95
C PHE B 373 -9.08 26.91 -14.89
N LYS B 374 -9.41 28.09 -15.41
CA LYS B 374 -8.60 29.30 -15.34
C LYS B 374 -9.12 30.18 -14.19
N GLU B 375 -8.51 31.35 -14.04
CA GLU B 375 -8.86 32.19 -12.88
C GLU B 375 -10.31 32.61 -12.91
N GLU B 376 -10.83 33.01 -14.08
CA GLU B 376 -12.24 33.37 -14.19
C GLU B 376 -13.14 32.23 -13.72
N ASP B 377 -12.81 30.99 -14.09
CA ASP B 377 -13.65 29.86 -13.70
C ASP B 377 -13.55 29.58 -12.20
N ALA B 378 -12.33 29.71 -11.65
CA ALA B 378 -12.18 29.54 -10.20
C ALA B 378 -13.00 30.59 -9.46
N VAL B 379 -13.06 31.81 -9.99
CA VAL B 379 -13.91 32.84 -9.39
C VAL B 379 -15.36 32.39 -9.37
N LYS B 380 -15.85 31.84 -10.50
CA LYS B 380 -17.22 31.37 -10.54
C LYS B 380 -17.47 30.26 -9.51
N VAL B 381 -16.51 29.34 -9.35
CA VAL B 381 -16.65 28.26 -8.38
C VAL B 381 -16.84 28.83 -6.98
N ALA B 382 -15.98 29.77 -6.60
CA ALA B 382 -16.09 30.36 -5.27
C ALA B 382 -17.44 31.08 -5.11
N GLU B 383 -17.91 31.76 -6.16
CA GLU B 383 -19.20 32.43 -6.07
C GLU B 383 -20.34 31.43 -5.89
N LEU B 384 -20.29 30.31 -6.63
CA LEU B 384 -21.31 29.28 -6.43
C LEU B 384 -21.23 28.65 -5.06
N VAL B 385 -20.03 28.55 -4.48
CA VAL B 385 -19.95 28.00 -3.13
C VAL B 385 -20.62 28.96 -2.14
N VAL B 386 -20.36 30.26 -2.30
CA VAL B 386 -20.96 31.25 -1.40
C VAL B 386 -22.48 31.23 -1.52
N LYS B 387 -22.99 31.29 -2.74
CA LYS B 387 -24.44 31.33 -2.94
C LYS B 387 -25.12 30.08 -2.38
N ALA B 388 -24.51 28.92 -2.55
CA ALA B 388 -25.11 27.69 -2.03
C ALA B 388 -25.23 27.73 -0.52
N LEU B 389 -24.22 28.27 0.16
CA LEU B 389 -24.26 28.37 1.61
C LEU B 389 -25.20 29.48 2.08
N GLN B 390 -25.15 30.64 1.40
CA GLN B 390 -26.08 31.72 1.73
C GLN B 390 -27.53 31.27 1.55
N ALA B 391 -27.80 30.50 0.49
CA ALA B 391 -29.14 30.00 0.23
C ALA B 391 -29.63 29.12 1.37
N LYS B 392 -30.01 29.76 2.48
CA LYS B 392 -30.68 29.08 3.58
C LYS B 392 -31.94 28.40 3.09
N ASP B 393 -31.87 27.10 2.82
CA ASP B 393 -33.02 26.25 2.55
C ASP B 393 -33.80 26.66 1.30
N ASP B 394 -33.22 27.49 0.43
CA ASP B 394 -33.93 28.04 -0.73
C ASP B 394 -33.64 27.17 -1.96
N ASN B 395 -34.44 26.11 -2.13
CA ASN B 395 -34.24 25.20 -3.26
C ASN B 395 -34.29 25.92 -4.60
N ALA B 396 -34.86 27.12 -4.65
CA ALA B 396 -34.77 27.91 -5.88
C ALA B 396 -33.31 28.27 -6.16
N GLN B 397 -32.64 28.86 -5.16
CA GLN B 397 -31.26 29.28 -5.36
C GLN B 397 -30.33 28.09 -5.59
N LEU B 398 -30.51 27.01 -4.83
CA LEU B 398 -29.62 25.87 -4.95
C LEU B 398 -29.69 25.24 -6.33
N ASP B 399 -30.87 25.22 -6.94
CA ASP B 399 -30.96 24.64 -8.27
C ASP B 399 -30.23 25.48 -9.29
N GLU B 400 -30.17 26.81 -9.06
CA GLU B 400 -29.35 27.66 -9.92
C GLU B 400 -27.88 27.30 -9.78
N VAL B 401 -27.45 26.98 -8.55
CA VAL B 401 -26.08 26.53 -8.32
C VAL B 401 -25.80 25.28 -9.13
N LYS B 402 -26.66 24.26 -8.99
CA LYS B 402 -26.48 23.01 -9.76
C LYS B 402 -26.34 23.32 -11.24
N THR B 403 -27.11 24.28 -11.74
CA THR B 403 -26.97 24.66 -13.14
C THR B 403 -25.62 25.32 -13.39
N GLY B 404 -25.18 26.17 -12.46
CA GLY B 404 -23.85 26.77 -12.59
C GLY B 404 -22.74 25.73 -12.56
N VAL B 405 -22.91 24.71 -11.71
CA VAL B 405 -21.95 23.60 -11.66
C VAL B 405 -21.95 22.87 -12.99
N ARG B 406 -23.12 22.58 -13.55
CA ARG B 406 -23.18 21.84 -14.80
C ARG B 406 -22.58 22.63 -15.95
N GLU B 407 -22.70 23.96 -15.92
CA GLU B 407 -22.04 24.81 -16.91
C GLU B 407 -20.53 24.66 -16.82
N LEU B 408 -19.98 24.65 -15.60
CA LEU B 408 -18.54 24.54 -15.45
C LEU B 408 -18.06 23.15 -15.88
N THR B 409 -18.74 22.10 -15.42
CA THR B 409 -18.27 20.75 -15.72
C THR B 409 -18.41 20.43 -17.21
N GLU B 410 -19.44 20.94 -17.86
CA GLU B 410 -19.58 20.75 -19.31
C GLU B 410 -18.54 21.56 -20.07
N LYS B 411 -18.16 22.73 -19.56
CA LYS B 411 -17.14 23.53 -20.24
C LYS B 411 -15.77 22.86 -20.17
N PHE B 412 -15.52 22.08 -19.10
CA PHE B 412 -14.23 21.45 -18.85
C PHE B 412 -14.46 19.95 -18.69
N PRO B 413 -14.63 19.22 -19.80
CA PRO B 413 -14.83 17.78 -19.71
C PRO B 413 -13.60 17.07 -19.15
N LEU B 414 -13.85 16.08 -18.29
CA LEU B 414 -12.80 15.31 -17.65
C LEU B 414 -12.59 13.96 -18.34
N HIS B 415 -13.64 13.13 -18.35
CA HIS B 415 -13.64 11.77 -18.92
C HIS B 415 -12.70 10.88 -18.11
#